data_4G0B
#
_entry.id   4G0B
#
_cell.length_a   116.100
_cell.length_b   116.100
_cell.length_c   158.910
_cell.angle_alpha   90.00
_cell.angle_beta   90.00
_cell.angle_gamma   90.00
#
_symmetry.space_group_name_H-M   'P 42 21 2'
#
loop_
_entity.id
_entity.type
_entity.pdbx_description
1 polymer 'Hydroxycinnamoyl-CoA shikimate/quinate hydroxycinnamoyltransferase'
2 non-polymer 'SULFATE ION'
3 water water
#
_entity_poly.entity_id   1
_entity_poly.type   'polypeptide(L)'
_entity_poly.pdbx_seq_one_letter_code
;GAMKIEVKESTMVRPAQETPGRNLWNSNVDLVVPNFHTPSVYFYRPTGSSNFFDAKVLKDALSRALVPFYPMAGRLKRDE
DGRIEIECNGEGVLFVEAESDGVVDDFGDFAPTLELRRLIPAVDYSQGISSYALLVLQVTYFKCGGVSLGVGMRHHAADG
FSGLHFINSWSDMARGLDVTLPPFIDRTLLRARDPPQPQFQHIEYQPPPALKVSPQTAKSDSVPETAVSIFKLTREQISA
LKAKSKEDGNTISYSSYEMLAGHVWRCACKARGLEVDQGTKLYIATDGRARLRPSLPPGYFGNVIFTATPIAIAGDLEFK
PVWYAASKIHDALARMDNDYLRSALDYLELQPDLKALVRGAHTFKCPNLGITSWVRLPIHDADFGWGRPIFMGPGGIAYE
GLSFILPSPTNDGSMSVAISLQGEHMKLFQSFLYDI
;
_entity_poly.pdbx_strand_id   A,B
#
loop_
_chem_comp.id
_chem_comp.type
_chem_comp.name
_chem_comp.formula
SO4 non-polymer 'SULFATE ION' 'O4 S -2'
#
# COMPACT_ATOMS: atom_id res chain seq x y z
N MET A 3 -17.95 -13.59 -20.45
CA MET A 3 -17.44 -12.20 -20.40
C MET A 3 -17.03 -11.70 -21.78
N LYS A 4 -17.89 -10.92 -22.43
CA LYS A 4 -17.58 -10.36 -23.73
C LYS A 4 -16.82 -9.04 -23.59
N ILE A 5 -15.89 -8.78 -24.50
CA ILE A 5 -15.12 -7.51 -24.52
C ILE A 5 -15.17 -6.83 -25.87
N GLU A 6 -15.70 -5.63 -25.95
CA GLU A 6 -15.82 -5.01 -27.26
C GLU A 6 -14.94 -3.81 -27.51
N VAL A 7 -14.35 -3.76 -28.70
CA VAL A 7 -13.56 -2.59 -29.08
C VAL A 7 -14.49 -1.47 -29.54
N LYS A 8 -14.32 -0.30 -28.92
CA LYS A 8 -15.12 0.88 -29.25
C LYS A 8 -14.30 1.91 -30.06
N GLU A 9 -13.05 2.16 -29.67
CA GLU A 9 -12.17 3.04 -30.44
C GLU A 9 -10.79 2.45 -30.52
N SER A 10 -10.09 2.87 -31.55
CA SER A 10 -8.77 2.36 -31.86
C SER A 10 -8.01 3.38 -32.69
N THR A 11 -7.03 4.03 -32.05
CA THR A 11 -6.25 5.07 -32.68
C THR A 11 -4.78 4.67 -32.78
N MET A 12 -4.11 5.16 -33.83
CA MET A 12 -2.65 5.09 -33.96
C MET A 12 -2.12 6.44 -33.58
N VAL A 13 -1.68 6.56 -32.34
CA VAL A 13 -1.30 7.85 -31.77
C VAL A 13 0.16 8.17 -32.04
N ARG A 14 0.40 9.31 -32.67
CA ARG A 14 1.76 9.74 -33.00
C ARG A 14 2.24 10.87 -32.09
N PRO A 15 3.53 11.19 -32.12
CA PRO A 15 4.06 12.27 -31.27
C PRO A 15 3.44 13.66 -31.54
N ALA A 16 3.28 14.45 -30.48
CA ALA A 16 2.54 15.72 -30.49
C ALA A 16 3.32 16.83 -31.20
N GLN A 17 4.35 16.43 -31.93
CA GLN A 17 5.14 17.35 -32.74
C GLN A 17 6.24 16.57 -33.46
N GLU A 18 6.88 17.17 -34.45
CA GLU A 18 7.95 16.49 -35.17
C GLU A 18 9.06 15.95 -34.27
N THR A 19 9.57 14.77 -34.64
CA THR A 19 10.66 14.10 -33.94
C THR A 19 11.77 13.70 -34.93
N PRO A 20 13.02 13.67 -34.47
CA PRO A 20 14.13 13.33 -35.36
C PRO A 20 13.95 12.00 -36.06
N GLY A 21 13.95 11.95 -37.38
CA GLY A 21 14.03 10.67 -38.07
C GLY A 21 15.40 10.10 -37.72
N ARG A 22 15.46 8.83 -37.37
CA ARG A 22 16.71 8.26 -36.94
C ARG A 22 16.67 6.78 -37.17
N ASN A 23 17.81 6.20 -37.54
CA ASN A 23 17.90 4.77 -37.68
C ASN A 23 18.67 4.25 -36.46
N LEU A 24 17.96 3.62 -35.53
CA LEU A 24 18.46 3.42 -34.18
C LEU A 24 18.93 2.02 -33.92
N TRP A 25 20.23 1.88 -33.75
CA TRP A 25 20.92 0.58 -33.66
C TRP A 25 20.49 -0.25 -32.48
N ASN A 26 20.52 -1.58 -32.58
CA ASN A 26 20.33 -2.45 -31.39
C ASN A 26 21.56 -3.23 -31.05
N SER A 27 21.85 -3.30 -29.75
CA SER A 27 22.99 -4.10 -29.27
C SER A 27 22.59 -5.56 -29.26
N ASN A 28 23.54 -6.44 -28.95
CA ASN A 28 23.25 -7.86 -28.97
C ASN A 28 22.12 -8.14 -27.98
N VAL A 29 22.19 -7.45 -26.86
CA VAL A 29 21.25 -7.71 -25.80
C VAL A 29 19.87 -7.08 -26.08
N ASP A 30 19.81 -6.26 -27.14
CA ASP A 30 18.57 -5.67 -27.66
C ASP A 30 18.03 -6.56 -28.75
N LEU A 31 18.85 -7.49 -29.21
CA LEU A 31 18.45 -8.43 -30.23
C LEU A 31 18.10 -9.82 -29.68
N VAL A 32 18.67 -10.21 -28.54
CA VAL A 32 18.26 -11.47 -27.87
C VAL A 32 17.05 -11.20 -27.00
N VAL A 33 15.90 -11.16 -27.64
CA VAL A 33 14.71 -10.74 -26.94
C VAL A 33 13.63 -11.75 -27.23
N PRO A 34 12.79 -11.99 -26.21
CA PRO A 34 11.42 -12.45 -26.40
C PRO A 34 10.82 -11.82 -27.68
N ASN A 35 10.68 -12.61 -28.75
CA ASN A 35 10.25 -12.11 -30.08
C ASN A 35 8.73 -12.00 -30.33
N PHE A 36 8.04 -11.45 -29.32
CA PHE A 36 6.64 -11.08 -29.39
C PHE A 36 6.49 -9.81 -28.52
N HIS A 37 5.27 -9.54 -28.04
CA HIS A 37 5.03 -8.45 -27.08
C HIS A 37 4.99 -8.93 -25.64
N THR A 38 5.86 -8.38 -24.77
CA THR A 38 5.80 -8.73 -23.36
C THR A 38 4.63 -8.01 -22.69
N PRO A 39 3.72 -8.77 -22.06
CA PRO A 39 2.46 -8.17 -21.64
C PRO A 39 2.47 -7.82 -20.17
N SER A 40 1.93 -6.65 -19.82
CA SER A 40 1.64 -6.31 -18.42
C SER A 40 0.19 -5.91 -18.29
N VAL A 41 -0.38 -6.10 -17.12
CA VAL A 41 -1.69 -5.52 -16.80
C VAL A 41 -1.70 -4.62 -15.55
N TYR A 42 -2.50 -3.58 -15.59
CA TYR A 42 -2.84 -2.79 -14.41
C TYR A 42 -4.33 -2.80 -14.27
N PHE A 43 -4.77 -2.83 -13.01
CA PHE A 43 -6.17 -2.68 -12.65
C PHE A 43 -6.32 -1.49 -11.74
N TYR A 44 -7.39 -0.74 -11.98
CA TYR A 44 -7.73 0.41 -11.19
C TYR A 44 -9.17 0.37 -10.73
N ARG A 45 -9.32 0.61 -9.42
CA ARG A 45 -10.61 0.85 -8.78
C ARG A 45 -11.23 2.19 -9.19
N PRO A 46 -12.58 2.22 -9.36
CA PRO A 46 -13.26 3.54 -9.53
C PRO A 46 -13.06 4.51 -8.32
N THR A 47 -12.85 5.79 -8.58
CA THR A 47 -12.72 6.80 -7.52
C THR A 47 -14.00 7.60 -7.24
N GLY A 48 -15.02 7.39 -8.07
CA GLY A 48 -16.24 8.16 -8.01
C GLY A 48 -16.18 9.30 -9.01
N SER A 49 -14.98 9.68 -9.42
CA SER A 49 -14.72 10.81 -10.32
C SER A 49 -15.51 10.65 -11.60
N SER A 50 -16.12 11.72 -12.10
CA SER A 50 -16.97 11.59 -13.29
C SER A 50 -16.19 11.52 -14.60
N ASN A 51 -14.91 11.88 -14.55
CA ASN A 51 -14.07 11.87 -15.73
C ASN A 51 -12.94 10.83 -15.60
N PHE A 52 -13.15 9.85 -14.72
CA PHE A 52 -12.26 8.67 -14.49
C PHE A 52 -11.74 8.02 -15.79
N PHE A 53 -10.41 7.97 -15.93
CA PHE A 53 -9.70 7.47 -17.11
C PHE A 53 -10.27 8.00 -18.43
N ASP A 54 -10.46 9.31 -18.54
CA ASP A 54 -10.88 9.96 -19.77
C ASP A 54 -9.89 9.71 -20.91
N ALA A 55 -10.38 9.13 -22.01
CA ALA A 55 -9.51 8.81 -23.15
C ALA A 55 -8.87 10.05 -23.83
N LYS A 56 -9.64 11.11 -24.10
CA LYS A 56 -9.02 12.37 -24.61
C LYS A 56 -7.79 12.79 -23.74
N VAL A 57 -7.95 12.74 -22.42
CA VAL A 57 -6.85 13.08 -21.53
C VAL A 57 -5.70 12.09 -21.70
N LEU A 58 -6.01 10.81 -21.70
CA LEU A 58 -4.96 9.81 -21.86
C LEU A 58 -4.21 9.96 -23.19
N LYS A 59 -4.98 10.09 -24.27
CA LYS A 59 -4.46 10.12 -25.61
C LYS A 59 -3.61 11.34 -25.80
N ASP A 60 -3.97 12.47 -25.19
CA ASP A 60 -3.21 13.67 -25.41
C ASP A 60 -1.86 13.48 -24.75
N ALA A 61 -1.86 12.90 -23.55
CA ALA A 61 -0.66 12.76 -22.75
C ALA A 61 0.32 11.76 -23.33
N LEU A 62 -0.23 10.68 -23.87
CA LEU A 62 0.55 9.66 -24.60
C LEU A 62 1.26 10.29 -25.79
N SER A 63 0.53 11.07 -26.61
CA SER A 63 1.13 11.81 -27.70
C SER A 63 2.28 12.72 -27.27
N ARG A 64 2.12 13.45 -26.17
CA ARG A 64 3.18 14.27 -25.59
C ARG A 64 4.39 13.50 -25.03
N ALA A 65 4.10 12.44 -24.27
CA ALA A 65 5.09 11.50 -23.78
C ALA A 65 5.96 10.98 -24.90
N LEU A 66 5.36 10.88 -26.08
CA LEU A 66 6.00 10.27 -27.23
C LEU A 66 6.95 11.22 -27.94
N VAL A 67 7.09 12.43 -27.41
CA VAL A 67 8.04 13.38 -27.99
C VAL A 67 9.44 13.08 -27.42
N PRO A 68 9.60 13.00 -26.08
CA PRO A 68 10.94 12.59 -25.63
C PRO A 68 11.27 11.09 -25.96
N PHE A 69 10.29 10.21 -25.86
CA PHE A 69 10.50 8.77 -26.13
C PHE A 69 10.12 8.40 -27.56
N TYR A 70 10.52 9.21 -28.53
CA TYR A 70 10.14 8.99 -29.92
C TYR A 70 10.40 7.58 -30.51
N PRO A 71 11.49 6.90 -30.12
CA PRO A 71 11.67 5.57 -30.69
C PRO A 71 10.47 4.69 -30.46
N MET A 72 9.66 5.04 -29.48
CA MET A 72 8.55 4.16 -29.13
C MET A 72 7.45 4.20 -30.20
N ALA A 73 7.48 5.23 -31.04
CA ALA A 73 6.53 5.36 -32.15
C ALA A 73 7.06 4.72 -33.43
N GLY A 74 8.29 4.20 -33.35
CA GLY A 74 9.01 3.65 -34.51
C GLY A 74 8.52 2.30 -35.00
N ARG A 75 9.28 1.67 -35.88
CA ARG A 75 8.93 0.38 -36.46
C ARG A 75 10.23 -0.37 -36.62
N LEU A 76 10.24 -1.70 -36.62
CA LEU A 76 11.46 -2.42 -36.95
C LEU A 76 11.72 -2.30 -38.43
N LYS A 77 12.98 -2.29 -38.78
CA LYS A 77 13.40 -2.25 -40.17
C LYS A 77 14.62 -3.10 -40.17
N ARG A 78 14.88 -3.80 -41.25
CA ARG A 78 16.17 -4.48 -41.36
C ARG A 78 17.24 -3.58 -41.97
N ASP A 79 18.44 -3.73 -41.44
CA ASP A 79 19.57 -2.89 -41.80
C ASP A 79 20.22 -3.51 -43.06
N GLU A 80 21.33 -2.97 -43.52
CA GLU A 80 21.94 -3.37 -44.80
C GLU A 80 22.60 -4.77 -44.70
N ASP A 81 23.43 -4.96 -43.69
CA ASP A 81 23.91 -6.30 -43.29
C ASP A 81 22.74 -7.22 -42.84
N GLY A 82 21.55 -6.63 -42.70
CA GLY A 82 20.33 -7.38 -42.37
C GLY A 82 20.05 -7.55 -40.88
N ARG A 83 20.36 -6.53 -40.09
CA ARG A 83 20.27 -6.57 -38.63
C ARG A 83 19.04 -5.77 -38.20
N ILE A 84 18.35 -6.18 -37.16
CA ILE A 84 17.17 -5.41 -36.81
C ILE A 84 17.54 -4.06 -36.16
N GLU A 85 17.12 -2.96 -36.77
CA GLU A 85 17.19 -1.67 -36.09
C GLU A 85 15.82 -1.04 -35.90
N ILE A 86 15.79 0.13 -35.27
CA ILE A 86 14.55 0.85 -35.08
C ILE A 86 14.46 2.11 -35.94
N GLU A 87 13.63 2.05 -36.97
CA GLU A 87 13.28 3.24 -37.71
C GLU A 87 12.44 4.12 -36.81
N CYS A 88 12.95 5.29 -36.47
CA CYS A 88 12.18 6.27 -35.72
C CYS A 88 11.43 7.07 -36.75
N ASN A 89 10.25 6.61 -37.14
CA ASN A 89 9.53 7.25 -38.22
C ASN A 89 8.29 7.90 -37.69
N GLY A 90 8.01 7.69 -36.41
CA GLY A 90 6.90 8.32 -35.74
C GLY A 90 5.50 7.90 -36.22
N GLU A 91 5.41 6.67 -36.78
CA GLU A 91 4.13 6.06 -37.16
C GLU A 91 3.18 5.92 -35.97
N GLY A 92 3.72 5.73 -34.79
CA GLY A 92 2.92 5.84 -33.58
C GLY A 92 2.61 4.57 -32.82
N VAL A 93 1.86 4.76 -31.74
CA VAL A 93 1.50 3.73 -30.80
C VAL A 93 0.02 3.41 -30.93
N LEU A 94 -0.34 2.13 -30.87
CA LEU A 94 -1.76 1.76 -30.95
C LEU A 94 -2.50 1.85 -29.60
N PHE A 95 -3.52 2.70 -29.57
CA PHE A 95 -4.32 2.91 -28.37
C PHE A 95 -5.72 2.38 -28.61
N VAL A 96 -6.10 1.32 -27.90
CA VAL A 96 -7.45 0.77 -28.05
C VAL A 96 -8.28 1.09 -26.83
N GLU A 97 -9.51 1.56 -27.06
CA GLU A 97 -10.56 1.70 -26.02
C GLU A 97 -11.60 0.58 -26.15
N ALA A 98 -11.68 -0.23 -25.11
CA ALA A 98 -12.58 -1.36 -25.10
C ALA A 98 -13.46 -1.39 -23.85
N GLU A 99 -14.66 -1.93 -24.01
CA GLU A 99 -15.59 -2.16 -22.91
C GLU A 99 -15.83 -3.66 -22.65
N SER A 100 -15.99 -4.03 -21.39
CA SER A 100 -16.31 -5.40 -21.05
C SER A 100 -17.70 -5.42 -20.45
N ASP A 101 -18.43 -6.51 -20.67
CA ASP A 101 -19.76 -6.68 -20.06
C ASP A 101 -19.65 -7.14 -18.60
N GLY A 102 -18.44 -7.54 -18.18
CA GLY A 102 -18.17 -8.00 -16.83
C GLY A 102 -17.48 -6.96 -15.96
N VAL A 103 -16.96 -7.38 -14.82
CA VAL A 103 -16.40 -6.48 -13.82
C VAL A 103 -14.97 -6.86 -13.51
N VAL A 104 -14.25 -5.97 -12.83
CA VAL A 104 -12.81 -6.16 -12.48
C VAL A 104 -12.49 -7.41 -11.62
N ASP A 105 -13.28 -7.65 -10.58
CA ASP A 105 -13.11 -8.83 -9.73
C ASP A 105 -13.38 -10.19 -10.35
N ASP A 106 -13.91 -10.25 -11.57
CA ASP A 106 -14.05 -11.53 -12.29
C ASP A 106 -12.67 -12.09 -12.62
N PHE A 107 -11.62 -11.29 -12.43
CA PHE A 107 -10.25 -11.77 -12.60
C PHE A 107 -9.61 -12.27 -11.30
N GLY A 108 -10.28 -12.06 -10.18
CA GLY A 108 -9.91 -12.63 -8.90
C GLY A 108 -8.62 -12.11 -8.33
N ASP A 109 -7.79 -13.05 -7.88
CA ASP A 109 -6.47 -12.76 -7.33
C ASP A 109 -5.49 -12.23 -8.38
N PHE A 110 -6.00 -12.08 -9.59
CA PHE A 110 -5.25 -11.56 -10.74
C PHE A 110 -4.13 -12.48 -11.21
N ALA A 111 -4.25 -13.78 -10.89
CA ALA A 111 -3.33 -14.78 -11.42
C ALA A 111 -3.14 -14.63 -12.95
N PRO A 112 -1.87 -14.60 -13.40
CA PRO A 112 -1.59 -14.40 -14.81
C PRO A 112 -1.94 -15.61 -15.66
N THR A 113 -3.19 -16.05 -15.62
CA THR A 113 -3.70 -17.00 -16.59
C THR A 113 -3.84 -16.30 -17.92
N LEU A 114 -3.91 -17.05 -19.00
CA LEU A 114 -4.09 -16.46 -20.32
C LEU A 114 -5.50 -15.93 -20.45
N GLU A 115 -6.14 -15.66 -19.33
CA GLU A 115 -7.40 -14.97 -19.41
C GLU A 115 -7.11 -13.50 -19.55
N LEU A 116 -6.05 -13.06 -18.88
CA LEU A 116 -5.61 -11.68 -18.89
C LEU A 116 -5.25 -11.20 -20.28
N ARG A 117 -4.96 -12.14 -21.19
CA ARG A 117 -4.52 -11.80 -22.54
C ARG A 117 -5.55 -11.06 -23.34
N ARG A 118 -6.81 -11.20 -22.95
CA ARG A 118 -7.92 -10.47 -23.52
C ARG A 118 -7.77 -8.97 -23.31
N LEU A 119 -6.89 -8.58 -22.39
CA LEU A 119 -6.87 -7.19 -21.95
C LEU A 119 -5.75 -6.34 -22.55
N ILE A 120 -4.85 -7.01 -23.28
CA ILE A 120 -3.80 -6.41 -24.12
C ILE A 120 -4.21 -6.71 -25.55
N PRO A 121 -4.17 -5.71 -26.46
CA PRO A 121 -4.45 -5.86 -27.91
C PRO A 121 -3.66 -6.98 -28.58
N ALA A 122 -4.29 -7.72 -29.46
CA ALA A 122 -3.62 -8.88 -30.01
C ALA A 122 -2.93 -8.46 -31.28
N VAL A 123 -1.65 -8.77 -31.41
CA VAL A 123 -0.83 -8.34 -32.56
C VAL A 123 -0.69 -9.37 -33.67
N ASP A 124 -0.83 -8.92 -34.91
CA ASP A 124 -0.72 -9.84 -36.03
C ASP A 124 0.70 -9.78 -36.60
N TYR A 125 1.43 -10.90 -36.56
CA TYR A 125 2.87 -10.89 -36.95
C TYR A 125 3.11 -11.27 -38.40
N SER A 126 2.01 -11.51 -39.13
CA SER A 126 2.04 -12.15 -40.42
C SER A 126 2.51 -11.26 -41.58
N GLN A 127 2.66 -9.96 -41.34
CA GLN A 127 2.93 -9.02 -42.45
C GLN A 127 4.35 -8.48 -42.51
N GLY A 128 5.20 -8.93 -41.58
CA GLY A 128 6.62 -8.58 -41.59
C GLY A 128 6.96 -7.74 -40.38
N ILE A 129 8.26 -7.56 -40.12
CA ILE A 129 8.73 -6.82 -38.92
C ILE A 129 8.25 -5.35 -38.84
N SER A 130 8.06 -4.76 -40.00
CA SER A 130 7.78 -3.35 -40.09
C SER A 130 6.31 -2.95 -39.98
N SER A 131 5.41 -3.88 -39.68
CA SER A 131 4.00 -3.64 -39.98
C SER A 131 3.12 -3.52 -38.74
N TYR A 132 3.73 -3.75 -37.59
CA TYR A 132 3.02 -3.65 -36.32
C TYR A 132 3.70 -2.64 -35.38
N ALA A 133 2.90 -2.09 -34.47
CA ALA A 133 3.41 -1.12 -33.53
C ALA A 133 4.43 -1.79 -32.63
N LEU A 134 5.43 -1.04 -32.18
CA LEU A 134 6.33 -1.51 -31.15
C LEU A 134 5.64 -1.55 -29.77
N LEU A 135 4.56 -0.78 -29.61
CA LEU A 135 3.84 -0.72 -28.36
C LEU A 135 2.35 -0.54 -28.61
N VAL A 136 1.59 -1.39 -27.94
CA VAL A 136 0.16 -1.44 -28.12
C VAL A 136 -0.41 -1.28 -26.69
N LEU A 137 -1.61 -0.72 -26.61
CA LEU A 137 -2.17 -0.33 -25.36
C LEU A 137 -3.69 -0.42 -25.43
N GLN A 138 -4.26 -0.91 -24.36
CA GLN A 138 -5.69 -1.05 -24.29
C GLN A 138 -6.16 -0.54 -22.93
N VAL A 139 -7.08 0.41 -22.94
CA VAL A 139 -7.78 0.78 -21.71
C VAL A 139 -9.11 0.08 -21.81
N THR A 140 -9.40 -0.72 -20.79
CA THR A 140 -10.62 -1.51 -20.80
C THR A 140 -11.51 -0.98 -19.70
N TYR A 141 -12.79 -0.73 -19.99
CA TYR A 141 -13.72 -0.17 -19.00
C TYR A 141 -14.79 -1.17 -18.65
N PHE A 142 -14.95 -1.47 -17.36
CA PHE A 142 -15.81 -2.56 -16.93
C PHE A 142 -17.18 -2.11 -16.46
N LYS A 143 -17.95 -3.06 -15.93
CA LYS A 143 -19.36 -2.81 -15.70
C LYS A 143 -19.61 -1.90 -14.50
N CYS A 144 -18.78 -2.06 -13.48
CA CYS A 144 -18.97 -1.31 -12.27
C CYS A 144 -17.91 -0.24 -12.11
N GLY A 145 -17.51 0.36 -13.21
CA GLY A 145 -16.61 1.50 -13.16
C GLY A 145 -15.15 1.13 -12.99
N GLY A 146 -14.84 -0.16 -13.02
CA GLY A 146 -13.46 -0.61 -12.95
C GLY A 146 -12.80 -0.28 -14.26
N VAL A 147 -11.47 -0.20 -14.25
CA VAL A 147 -10.68 0.01 -15.48
C VAL A 147 -9.45 -0.90 -15.51
N SER A 148 -8.98 -1.25 -16.70
CA SER A 148 -7.69 -1.91 -16.80
C SER A 148 -6.89 -1.36 -17.95
N LEU A 149 -5.58 -1.34 -17.76
CA LEU A 149 -4.65 -0.94 -18.81
C LEU A 149 -3.72 -2.07 -19.18
N GLY A 150 -3.80 -2.50 -20.45
CA GLY A 150 -2.98 -3.60 -20.96
C GLY A 150 -1.85 -3.07 -21.81
N VAL A 151 -0.66 -3.62 -21.63
CA VAL A 151 0.52 -3.10 -22.31
C VAL A 151 1.17 -4.26 -23.04
N GLY A 152 1.33 -4.11 -24.34
CA GLY A 152 2.15 -5.05 -25.08
C GLY A 152 3.27 -4.26 -25.70
N MET A 153 4.50 -4.53 -25.25
CA MET A 153 5.66 -3.81 -25.75
C MET A 153 6.66 -4.77 -26.35
N ARG A 154 7.00 -4.55 -27.61
CA ARG A 154 7.98 -5.34 -28.33
C ARG A 154 9.39 -5.02 -27.80
N HIS A 155 10.08 -6.03 -27.26
CA HIS A 155 11.34 -5.84 -26.53
C HIS A 155 12.53 -5.40 -27.31
N HIS A 156 12.48 -5.50 -28.63
CA HIS A 156 13.49 -4.82 -29.46
C HIS A 156 13.54 -3.34 -29.18
N ALA A 157 12.44 -2.77 -28.67
CA ALA A 157 12.42 -1.36 -28.27
C ALA A 157 13.13 -1.13 -26.94
N ALA A 158 12.70 -1.80 -25.87
CA ALA A 158 13.33 -1.61 -24.58
C ALA A 158 13.02 -2.76 -23.64
N ASP A 159 13.80 -2.87 -22.56
CA ASP A 159 13.49 -3.87 -21.53
C ASP A 159 12.36 -3.35 -20.63
N GLY A 160 11.95 -4.18 -19.67
CA GLY A 160 10.95 -3.77 -18.68
C GLY A 160 11.33 -2.53 -17.89
N PHE A 161 12.62 -2.35 -17.60
CA PHE A 161 13.05 -1.17 -16.84
C PHE A 161 12.67 0.14 -17.55
N SER A 162 13.06 0.22 -18.84
CA SER A 162 12.74 1.35 -19.71
C SER A 162 11.27 1.51 -20.03
N GLY A 163 10.55 0.41 -20.27
CA GLY A 163 9.11 0.45 -20.50
C GLY A 163 8.37 1.07 -19.32
N LEU A 164 8.86 0.80 -18.12
CA LEU A 164 8.24 1.33 -16.93
C LEU A 164 8.49 2.83 -16.88
N HIS A 165 9.74 3.20 -17.13
CA HIS A 165 10.11 4.59 -17.32
C HIS A 165 9.23 5.31 -18.36
N PHE A 166 8.87 4.64 -19.45
CA PHE A 166 7.95 5.24 -20.39
C PHE A 166 6.50 5.32 -19.87
N ILE A 167 6.01 4.24 -19.28
CA ILE A 167 4.64 4.26 -18.71
C ILE A 167 4.45 5.34 -17.62
N ASN A 168 5.41 5.44 -16.72
CA ASN A 168 5.32 6.40 -15.65
C ASN A 168 5.42 7.81 -16.16
N SER A 169 6.42 8.08 -16.99
CA SER A 169 6.51 9.37 -17.65
C SER A 169 5.13 9.73 -18.19
N TRP A 170 4.55 8.81 -18.97
CA TRP A 170 3.28 9.07 -19.60
C TRP A 170 2.24 9.43 -18.57
N SER A 171 2.18 8.69 -17.47
CA SER A 171 1.16 8.97 -16.46
C SER A 171 1.41 10.30 -15.74
N ASP A 172 2.67 10.71 -15.63
CA ASP A 172 3.02 12.06 -15.16
C ASP A 172 2.59 13.18 -16.14
N MET A 173 2.77 12.98 -17.44
CA MET A 173 2.26 13.94 -18.41
C MET A 173 0.74 14.02 -18.37
N ALA A 174 0.09 12.93 -18.00
CA ALA A 174 -1.36 12.95 -17.91
C ALA A 174 -1.81 13.72 -16.68
N ARG A 175 -0.87 13.97 -15.76
CA ARG A 175 -1.10 14.76 -14.54
C ARG A 175 -0.44 16.16 -14.59
N GLY A 176 -0.21 16.69 -15.79
CA GLY A 176 0.45 17.98 -15.99
C GLY A 176 1.78 18.16 -15.26
N LEU A 177 2.47 17.04 -14.99
CA LEU A 177 3.78 17.04 -14.31
C LEU A 177 4.91 16.92 -15.32
N ASP A 178 6.05 17.52 -15.01
CA ASP A 178 7.12 17.52 -16.00
C ASP A 178 7.95 16.27 -15.87
N VAL A 179 8.38 15.70 -17.00
CA VAL A 179 9.20 14.49 -17.03
C VAL A 179 10.54 14.74 -16.32
N THR A 180 10.71 14.11 -15.14
CA THR A 180 11.89 14.34 -14.25
C THR A 180 13.19 13.72 -14.77
N LEU A 181 13.09 12.56 -15.43
CA LEU A 181 14.26 11.88 -16.00
C LEU A 181 14.26 11.76 -17.54
N PRO A 182 14.88 12.74 -18.26
CA PRO A 182 14.99 12.57 -19.71
C PRO A 182 15.56 11.19 -20.08
N PRO A 183 14.99 10.53 -21.11
CA PRO A 183 15.59 9.31 -21.63
C PRO A 183 16.84 9.63 -22.41
N PHE A 184 17.91 8.86 -22.17
CA PHE A 184 19.14 8.88 -23.01
C PHE A 184 19.03 7.78 -24.09
N ILE A 185 19.23 8.15 -25.35
CA ILE A 185 18.93 7.26 -26.48
C ILE A 185 20.14 7.01 -27.41
N ASP A 186 20.91 5.96 -27.06
CA ASP A 186 22.07 5.52 -27.84
C ASP A 186 22.61 4.18 -27.36
N ARG A 187 22.25 3.12 -28.05
CA ARG A 187 22.60 1.76 -27.61
C ARG A 187 24.04 1.28 -27.86
N THR A 188 24.82 2.10 -28.57
CA THR A 188 26.19 1.72 -28.89
C THR A 188 27.11 1.74 -27.67
N LEU A 189 26.60 2.20 -26.53
CA LEU A 189 27.34 2.02 -25.30
C LEU A 189 27.50 0.51 -24.99
N LEU A 190 26.57 -0.30 -25.48
CA LEU A 190 26.69 -1.72 -25.33
C LEU A 190 27.20 -2.42 -26.59
N ARG A 191 27.98 -1.70 -27.40
CA ARG A 191 28.70 -2.27 -28.53
C ARG A 191 29.75 -3.25 -28.05
N ALA A 192 30.00 -4.29 -28.83
CA ALA A 192 31.01 -5.30 -28.51
C ALA A 192 32.43 -4.76 -28.76
N ARG A 193 33.42 -5.28 -28.04
CA ARG A 193 34.82 -4.84 -28.25
C ARG A 193 35.30 -5.22 -29.63
N ASP A 194 36.21 -4.42 -30.18
CA ASP A 194 36.80 -4.81 -31.44
C ASP A 194 38.28 -5.20 -31.35
N PRO A 195 38.59 -6.49 -31.60
CA PRO A 195 37.66 -7.59 -31.92
C PRO A 195 37.08 -8.22 -30.68
N PRO A 196 35.98 -8.97 -30.84
CA PRO A 196 35.38 -9.63 -29.67
C PRO A 196 36.27 -10.75 -29.13
N GLN A 197 36.37 -10.80 -27.80
CA GLN A 197 37.30 -11.66 -27.11
C GLN A 197 36.62 -12.04 -25.79
N PRO A 198 35.77 -13.08 -25.81
CA PRO A 198 35.02 -13.49 -24.62
C PRO A 198 35.95 -14.10 -23.58
N GLN A 199 35.51 -14.15 -22.31
CA GLN A 199 36.38 -14.57 -21.20
C GLN A 199 35.86 -15.79 -20.48
N PHE A 200 34.56 -16.03 -20.62
CA PHE A 200 33.84 -17.10 -19.93
C PHE A 200 33.10 -17.96 -20.96
N GLN A 201 32.63 -19.14 -20.56
CA GLN A 201 31.82 -20.03 -21.40
C GLN A 201 30.48 -19.42 -21.75
N HIS A 202 29.94 -18.67 -20.78
CA HIS A 202 28.62 -18.06 -20.85
C HIS A 202 27.61 -19.11 -20.91
N ILE A 203 27.54 -19.73 -19.76
CA ILE A 203 26.61 -20.78 -19.45
C ILE A 203 25.18 -20.40 -19.78
N GLU A 204 24.80 -19.14 -19.51
CA GLU A 204 23.43 -18.66 -19.71
C GLU A 204 22.89 -18.95 -21.09
N TYR A 205 23.79 -19.01 -22.08
CA TYR A 205 23.36 -19.18 -23.46
C TYR A 205 23.50 -20.60 -23.98
N GLN A 206 23.91 -21.52 -23.11
CA GLN A 206 23.99 -22.95 -23.43
C GLN A 206 22.64 -23.65 -23.35
N PRO A 207 22.48 -24.77 -24.08
CA PRO A 207 21.26 -25.54 -23.86
C PRO A 207 21.28 -26.11 -22.43
N PRO A 208 20.12 -26.13 -21.76
CA PRO A 208 20.06 -26.56 -20.36
C PRO A 208 20.05 -28.09 -20.25
N PRO A 209 20.20 -28.63 -19.01
CA PRO A 209 20.04 -30.06 -18.70
C PRO A 209 18.72 -30.64 -19.19
N ALA A 210 18.71 -31.93 -19.51
CA ALA A 210 17.50 -32.57 -19.97
C ALA A 210 16.97 -33.57 -18.93
N LEU A 211 15.67 -33.85 -18.98
CA LEU A 211 15.00 -34.81 -18.10
C LEU A 211 15.52 -36.20 -18.39
N LYS A 212 15.15 -37.15 -17.56
CA LYS A 212 15.62 -38.52 -17.69
C LYS A 212 14.48 -39.50 -17.94
N THR A 226 -1.24 -27.30 -17.94
CA THR A 226 -0.59 -26.11 -17.32
C THR A 226 -1.55 -25.27 -16.46
N ALA A 227 -1.09 -24.94 -15.24
CA ALA A 227 -1.86 -24.19 -14.24
C ALA A 227 -1.06 -22.95 -13.77
N VAL A 228 -1.74 -21.84 -13.49
CA VAL A 228 -1.05 -20.62 -13.06
C VAL A 228 -1.71 -20.02 -11.81
N SER A 229 -0.96 -19.85 -10.74
CA SER A 229 -1.54 -19.39 -9.49
C SER A 229 -0.67 -18.30 -8.93
N ILE A 230 -1.24 -17.49 -8.02
CA ILE A 230 -0.47 -16.49 -7.29
C ILE A 230 -0.49 -16.80 -5.79
N PHE A 231 0.59 -16.52 -5.09
CA PHE A 231 0.66 -16.88 -3.68
C PHE A 231 1.19 -15.74 -2.83
N LYS A 232 0.37 -15.27 -1.89
CA LYS A 232 0.73 -14.11 -1.07
C LYS A 232 1.56 -14.53 0.13
N LEU A 233 2.72 -13.90 0.29
CA LEU A 233 3.56 -14.16 1.44
C LEU A 233 3.73 -12.93 2.34
N THR A 234 3.39 -13.05 3.61
CA THR A 234 3.40 -11.91 4.52
C THR A 234 4.84 -11.53 4.88
N ARG A 235 4.99 -10.29 5.34
CA ARG A 235 6.27 -9.78 5.79
C ARG A 235 6.94 -10.67 6.85
N GLU A 236 6.18 -11.13 7.86
CA GLU A 236 6.78 -12.02 8.89
C GLU A 236 7.09 -13.43 8.35
N GLN A 237 6.29 -13.92 7.40
CA GLN A 237 6.65 -15.16 6.71
C GLN A 237 7.99 -15.02 5.98
N ILE A 238 8.15 -13.94 5.20
CA ILE A 238 9.39 -13.68 4.48
C ILE A 238 10.50 -13.57 5.52
N SER A 239 10.21 -12.83 6.58
CA SER A 239 11.19 -12.65 7.63
C SER A 239 11.67 -13.97 8.25
N ALA A 240 10.71 -14.84 8.58
CA ALA A 240 11.00 -16.17 9.12
C ALA A 240 11.93 -16.94 8.20
N LEU A 241 11.61 -16.95 6.90
CA LEU A 241 12.42 -17.60 5.88
C LEU A 241 13.88 -17.10 5.91
N LYS A 242 14.07 -15.78 5.91
CA LYS A 242 15.43 -15.22 5.99
C LYS A 242 16.21 -15.83 7.15
N ALA A 243 15.52 -16.06 8.27
CA ALA A 243 16.19 -16.62 9.46
C ALA A 243 16.81 -18.00 9.21
N LYS A 244 16.16 -18.83 8.38
CA LYS A 244 16.68 -20.18 8.04
C LYS A 244 18.08 -20.21 7.41
N SER A 245 18.56 -19.02 7.03
CA SER A 245 19.95 -18.77 6.72
C SER A 245 20.84 -19.17 7.92
N LYS A 246 20.33 -18.94 9.14
CA LYS A 246 21.06 -19.25 10.37
C LYS A 246 21.10 -20.75 10.74
N GLU A 247 20.24 -21.56 10.13
CA GLU A 247 20.23 -23.03 10.34
C GLU A 247 21.58 -23.68 10.00
N ASP A 248 21.70 -24.96 10.33
CA ASP A 248 22.92 -25.77 10.08
C ASP A 248 24.30 -25.10 10.18
N GLY A 249 24.44 -24.14 11.09
CA GLY A 249 25.72 -23.49 11.40
C GLY A 249 26.40 -22.77 10.26
N ASN A 250 25.66 -21.87 9.61
CA ASN A 250 26.19 -21.09 8.51
C ASN A 250 26.09 -19.63 8.87
N THR A 251 27.21 -18.90 8.82
CA THR A 251 27.15 -17.45 9.12
C THR A 251 26.84 -16.55 7.93
N ILE A 252 27.27 -16.94 6.73
CA ILE A 252 27.01 -16.14 5.53
C ILE A 252 25.50 -15.92 5.44
N SER A 253 25.07 -14.67 5.57
CA SER A 253 23.63 -14.39 5.66
C SER A 253 23.13 -13.84 4.35
N TYR A 254 21.98 -14.32 3.91
CA TYR A 254 21.48 -13.98 2.59
C TYR A 254 20.27 -13.04 2.64
N SER A 255 20.11 -12.27 1.57
CA SER A 255 19.03 -11.31 1.42
C SER A 255 17.69 -12.02 1.33
N SER A 256 16.61 -11.30 1.61
CA SER A 256 15.27 -11.85 1.48
C SER A 256 15.05 -12.38 0.07
N TYR A 257 15.49 -11.58 -0.89
CA TYR A 257 15.40 -12.01 -2.26
C TYR A 257 16.08 -13.36 -2.43
N GLU A 258 17.31 -13.50 -1.94
CA GLU A 258 18.04 -14.74 -2.16
C GLU A 258 17.36 -15.93 -1.49
N MET A 259 16.79 -15.68 -0.31
CA MET A 259 16.18 -16.78 0.43
C MET A 259 14.84 -17.14 -0.18
N LEU A 260 14.11 -16.14 -0.65
CA LEU A 260 12.83 -16.40 -1.30
C LEU A 260 12.98 -17.11 -2.66
N ALA A 261 13.89 -16.62 -3.49
CA ALA A 261 14.04 -17.18 -4.83
C ALA A 261 14.48 -18.64 -4.77
N GLY A 262 15.37 -18.95 -3.82
CA GLY A 262 15.85 -20.31 -3.62
C GLY A 262 14.87 -21.16 -2.86
N HIS A 263 13.91 -20.54 -2.18
CA HIS A 263 12.82 -21.29 -1.57
C HIS A 263 11.90 -21.72 -2.64
N VAL A 264 11.64 -20.82 -3.58
CA VAL A 264 10.77 -21.12 -4.69
C VAL A 264 11.42 -22.23 -5.50
N TRP A 265 12.74 -22.17 -5.67
CA TRP A 265 13.45 -23.13 -6.51
C TRP A 265 13.35 -24.53 -5.98
N ARG A 266 13.69 -24.70 -4.70
CA ARG A 266 13.57 -26.00 -4.03
C ARG A 266 12.17 -26.51 -4.13
N CYS A 267 11.20 -25.65 -3.86
CA CYS A 267 9.80 -26.03 -3.90
C CYS A 267 9.34 -26.55 -5.23
N ALA A 268 9.63 -25.82 -6.31
CA ALA A 268 9.30 -26.29 -7.63
C ALA A 268 9.94 -27.65 -7.85
N CYS A 269 11.25 -27.73 -7.61
CA CYS A 269 12.01 -28.98 -7.76
C CYS A 269 11.33 -30.12 -7.01
N LYS A 270 11.13 -29.90 -5.71
CA LYS A 270 10.53 -30.90 -4.85
C LYS A 270 9.19 -31.29 -5.47
N ALA A 271 8.27 -30.34 -5.62
CA ALA A 271 6.94 -30.55 -6.24
C ALA A 271 6.94 -31.37 -7.53
N ARG A 272 8.02 -31.24 -8.30
CA ARG A 272 8.10 -31.89 -9.59
C ARG A 272 8.60 -33.33 -9.48
N GLY A 273 8.89 -33.80 -8.27
CA GLY A 273 9.45 -35.13 -8.05
C GLY A 273 10.58 -35.43 -9.01
N LEU A 274 11.61 -34.60 -8.98
CA LEU A 274 12.77 -34.81 -9.83
C LEU A 274 13.61 -35.88 -9.19
N GLU A 275 14.26 -36.66 -10.05
CA GLU A 275 15.23 -37.67 -9.65
C GLU A 275 16.22 -37.09 -8.67
N VAL A 276 16.83 -37.92 -7.85
CA VAL A 276 17.87 -37.48 -6.92
C VAL A 276 19.08 -36.94 -7.70
N ASP A 277 19.52 -37.68 -8.72
CA ASP A 277 20.67 -37.30 -9.54
C ASP A 277 20.40 -36.25 -10.66
N GLN A 278 19.18 -35.72 -10.74
CA GLN A 278 18.74 -34.89 -11.88
C GLN A 278 19.28 -33.47 -11.81
N GLY A 279 19.93 -33.01 -12.87
CA GLY A 279 20.42 -31.65 -12.89
C GLY A 279 19.33 -30.62 -13.14
N THR A 280 19.46 -29.45 -12.52
CA THR A 280 18.49 -28.36 -12.67
C THR A 280 19.11 -26.96 -12.74
N LYS A 281 18.67 -26.18 -13.72
CA LYS A 281 19.26 -24.88 -13.97
C LYS A 281 18.21 -23.79 -13.80
N LEU A 282 18.56 -22.75 -13.04
CA LEU A 282 17.64 -21.64 -12.77
C LEU A 282 18.06 -20.38 -13.51
N TYR A 283 17.16 -19.81 -14.31
CA TYR A 283 17.42 -18.56 -15.02
C TYR A 283 17.02 -17.37 -14.16
N ILE A 284 17.87 -16.35 -14.12
CA ILE A 284 17.56 -15.13 -13.38
C ILE A 284 17.87 -13.87 -14.19
N ALA A 285 16.84 -13.08 -14.49
CA ALA A 285 17.01 -11.79 -15.14
C ALA A 285 17.90 -10.89 -14.25
N THR A 286 18.75 -10.06 -14.86
CA THR A 286 19.71 -9.23 -14.11
C THR A 286 19.87 -7.86 -14.79
N ASP A 287 19.63 -6.79 -14.03
CA ASP A 287 19.87 -5.46 -14.56
C ASP A 287 21.35 -5.07 -14.51
N GLY A 288 21.98 -5.02 -15.70
CA GLY A 288 23.38 -4.61 -15.86
C GLY A 288 23.65 -3.15 -15.55
N ARG A 289 22.59 -2.35 -15.53
CA ARG A 289 22.65 -0.90 -15.29
C ARG A 289 23.57 -0.51 -14.14
N ALA A 290 23.29 -1.04 -12.96
CA ALA A 290 24.03 -0.69 -11.74
C ALA A 290 25.51 -1.14 -11.71
N ARG A 291 25.91 -2.01 -12.65
CA ARG A 291 27.18 -2.76 -12.52
C ARG A 291 28.22 -2.59 -13.65
N LEU A 292 27.78 -2.07 -14.81
CA LEU A 292 28.68 -1.82 -15.95
C LEU A 292 29.62 -0.65 -15.69
N ARG A 293 30.79 -0.64 -16.33
CA ARG A 293 31.71 0.49 -16.14
C ARG A 293 32.22 0.97 -17.49
N PRO A 294 32.29 2.30 -17.71
CA PRO A 294 31.65 3.36 -16.93
C PRO A 294 30.15 3.10 -16.91
N SER A 295 29.46 3.41 -15.82
CA SER A 295 28.01 3.12 -15.80
C SER A 295 27.21 3.99 -16.77
N LEU A 296 26.07 3.45 -17.20
CA LEU A 296 25.29 4.01 -18.29
C LEU A 296 24.58 5.23 -17.84
N PRO A 297 24.30 6.15 -18.78
CA PRO A 297 23.61 7.39 -18.43
C PRO A 297 22.30 7.09 -17.74
N PRO A 298 21.91 7.90 -16.74
CA PRO A 298 20.58 7.79 -16.16
C PRO A 298 19.51 7.91 -17.26
N GLY A 299 18.58 6.99 -17.33
CA GLY A 299 17.48 7.10 -18.27
C GLY A 299 17.83 6.45 -19.58
N TYR A 300 18.90 5.66 -19.59
CA TYR A 300 19.31 4.84 -20.75
C TYR A 300 18.14 4.03 -21.30
N PHE A 301 17.68 4.40 -22.49
CA PHE A 301 16.58 3.69 -23.20
C PHE A 301 16.95 2.39 -23.98
N GLY A 302 16.55 1.24 -23.45
CA GLY A 302 16.69 -0.01 -24.20
C GLY A 302 16.80 -1.21 -23.30
N ASN A 303 17.46 -2.24 -23.79
CA ASN A 303 17.64 -3.42 -22.98
C ASN A 303 19.01 -3.45 -22.32
N VAL A 304 19.04 -3.51 -20.98
CA VAL A 304 20.29 -3.80 -20.26
C VAL A 304 20.12 -5.05 -19.36
N ILE A 305 19.34 -6.03 -19.83
CA ILE A 305 19.02 -7.22 -19.07
C ILE A 305 19.93 -8.37 -19.47
N PHE A 306 20.72 -8.89 -18.53
CA PHE A 306 21.50 -10.08 -18.77
C PHE A 306 20.91 -11.25 -17.96
N THR A 307 21.55 -12.42 -17.99
CA THR A 307 21.01 -13.58 -17.25
C THR A 307 22.03 -14.30 -16.37
N ALA A 308 21.70 -14.45 -15.09
CA ALA A 308 22.41 -15.41 -14.22
C ALA A 308 21.70 -16.74 -14.22
N THR A 309 22.46 -17.83 -14.29
CA THR A 309 21.88 -19.17 -14.35
C THR A 309 22.54 -20.23 -13.47
N PRO A 310 22.30 -20.19 -12.14
CA PRO A 310 22.83 -21.21 -11.24
C PRO A 310 22.41 -22.63 -11.63
N ILE A 311 23.26 -23.63 -11.43
CA ILE A 311 22.85 -25.02 -11.65
C ILE A 311 23.11 -25.79 -10.37
N ALA A 312 22.29 -26.80 -10.10
CA ALA A 312 22.53 -27.71 -8.97
C ALA A 312 21.89 -29.05 -9.26
N ILE A 313 22.09 -30.02 -8.35
CA ILE A 313 21.47 -31.35 -8.37
C ILE A 313 20.20 -31.37 -7.51
N ALA A 314 19.07 -31.74 -8.12
CA ALA A 314 17.75 -31.79 -7.46
C ALA A 314 17.78 -32.35 -6.05
N GLY A 315 18.67 -33.33 -5.83
CA GLY A 315 18.89 -33.91 -4.51
C GLY A 315 19.45 -32.96 -3.46
N ASP A 316 20.54 -32.26 -3.79
CA ASP A 316 21.17 -31.32 -2.84
C ASP A 316 20.30 -30.10 -2.56
N LEU A 317 19.57 -29.62 -3.57
CA LEU A 317 18.58 -28.58 -3.35
C LEU A 317 17.49 -29.06 -2.41
N GLU A 318 17.14 -30.34 -2.51
CA GLU A 318 16.10 -30.89 -1.64
C GLU A 318 16.59 -31.27 -0.24
N PHE A 319 17.79 -31.83 -0.11
CA PHE A 319 18.24 -32.37 1.18
C PHE A 319 19.12 -31.49 2.04
N LYS A 320 19.33 -30.27 1.61
CA LYS A 320 20.10 -29.29 2.37
C LYS A 320 19.17 -28.16 2.80
N PRO A 321 19.62 -27.32 3.74
CA PRO A 321 18.69 -26.28 4.15
C PRO A 321 18.54 -25.28 3.01
N VAL A 322 17.55 -24.39 3.16
CA VAL A 322 17.18 -23.47 2.11
C VAL A 322 18.35 -22.56 1.74
N TRP A 323 19.27 -22.32 2.69
CA TRP A 323 20.42 -21.44 2.42
C TRP A 323 21.38 -21.98 1.42
N TYR A 324 21.46 -23.32 1.27
CA TYR A 324 22.25 -23.90 0.20
C TYR A 324 21.79 -23.35 -1.15
N ALA A 325 20.49 -23.44 -1.42
CA ALA A 325 19.93 -22.94 -2.67
C ALA A 325 20.26 -21.45 -2.82
N ALA A 326 19.91 -20.67 -1.80
CA ALA A 326 20.18 -19.24 -1.82
C ALA A 326 21.65 -18.95 -2.14
N SER A 327 22.56 -19.74 -1.55
CA SER A 327 24.00 -19.58 -1.78
C SER A 327 24.35 -19.67 -3.26
N LYS A 328 23.78 -20.66 -3.93
CA LYS A 328 24.04 -20.88 -5.37
C LYS A 328 23.60 -19.69 -6.19
N ILE A 329 22.46 -19.10 -5.82
CA ILE A 329 21.95 -17.85 -6.43
C ILE A 329 22.88 -16.64 -6.23
N HIS A 330 23.24 -16.41 -4.95
CA HIS A 330 24.17 -15.38 -4.53
C HIS A 330 25.42 -15.44 -5.36
N ASP A 331 25.99 -16.62 -5.46
CA ASP A 331 27.21 -16.81 -6.22
C ASP A 331 27.11 -16.42 -7.68
N ALA A 332 25.99 -16.83 -8.30
CA ALA A 332 25.72 -16.58 -9.70
C ALA A 332 25.64 -15.09 -9.96
N LEU A 333 24.96 -14.36 -9.06
CA LEU A 333 24.73 -12.94 -9.23
C LEU A 333 25.97 -12.13 -8.92
N ALA A 334 26.75 -12.61 -7.95
CA ALA A 334 28.00 -11.99 -7.60
C ALA A 334 28.90 -11.90 -8.81
N ARG A 335 28.98 -13.00 -9.56
CA ARG A 335 29.89 -13.12 -10.71
C ARG A 335 29.57 -12.14 -11.80
N MET A 336 28.38 -11.57 -11.76
CA MET A 336 27.87 -10.70 -12.82
C MET A 336 28.40 -9.28 -12.76
N ASP A 337 29.71 -9.10 -12.86
CA ASP A 337 30.27 -7.75 -12.84
C ASP A 337 30.57 -7.22 -14.26
N ASN A 338 31.20 -6.04 -14.35
CA ASN A 338 31.45 -5.43 -15.65
C ASN A 338 32.17 -6.35 -16.62
N ASP A 339 33.26 -6.91 -16.13
CA ASP A 339 34.10 -7.80 -16.92
C ASP A 339 33.30 -9.00 -17.39
N TYR A 340 32.28 -9.38 -16.61
CA TYR A 340 31.46 -10.50 -17.00
C TYR A 340 30.45 -10.08 -18.05
N LEU A 341 29.80 -8.96 -17.79
CA LEU A 341 28.85 -8.40 -18.71
C LEU A 341 29.51 -8.00 -20.06
N ARG A 342 30.65 -7.35 -20.02
CA ARG A 342 31.35 -7.05 -21.27
C ARG A 342 31.62 -8.29 -22.15
N SER A 343 31.91 -9.40 -21.50
CA SER A 343 32.26 -10.63 -22.16
C SER A 343 31.03 -11.23 -22.81
N ALA A 344 29.90 -11.15 -22.10
CA ALA A 344 28.61 -11.56 -22.64
C ALA A 344 28.36 -10.93 -24.00
N LEU A 345 28.48 -9.60 -24.04
CA LEU A 345 28.30 -8.83 -25.26
C LEU A 345 29.23 -9.33 -26.34
N ASP A 346 30.50 -9.56 -25.98
CA ASP A 346 31.46 -10.16 -26.91
C ASP A 346 31.03 -11.55 -27.42
N TYR A 347 30.82 -12.49 -26.48
CA TYR A 347 30.36 -13.85 -26.79
C TYR A 347 29.19 -13.88 -27.80
N LEU A 348 28.15 -13.09 -27.52
CA LEU A 348 27.02 -12.89 -28.44
C LEU A 348 27.44 -12.38 -29.85
N GLU A 349 28.51 -11.59 -29.94
CA GLU A 349 28.96 -11.09 -31.24
C GLU A 349 29.47 -12.21 -32.13
N LEU A 350 30.04 -13.24 -31.53
CA LEU A 350 30.64 -14.34 -32.28
C LEU A 350 29.62 -15.35 -32.74
N GLN A 351 28.50 -15.40 -32.03
CA GLN A 351 27.44 -16.36 -32.35
C GLN A 351 26.86 -16.04 -33.71
N PRO A 352 26.57 -17.09 -34.50
CA PRO A 352 25.92 -16.98 -35.83
C PRO A 352 24.47 -16.51 -35.78
N ASP A 353 23.57 -17.25 -35.12
CA ASP A 353 22.17 -16.84 -35.15
C ASP A 353 21.66 -16.50 -33.76
N LEU A 354 21.69 -15.21 -33.47
CA LEU A 354 21.21 -14.67 -32.21
C LEU A 354 19.73 -14.97 -31.99
N LYS A 355 18.87 -14.68 -32.97
CA LYS A 355 17.44 -15.04 -32.89
C LYS A 355 17.27 -16.49 -32.41
N ALA A 356 18.15 -17.37 -32.87
CA ALA A 356 18.05 -18.80 -32.58
C ALA A 356 18.52 -19.18 -31.16
N LEU A 357 18.50 -18.21 -30.24
CA LEU A 357 19.22 -18.33 -28.96
C LEU A 357 18.40 -17.75 -27.78
N VAL A 358 17.15 -17.39 -28.07
CA VAL A 358 16.23 -16.81 -27.10
C VAL A 358 15.50 -17.89 -26.30
N ARG A 359 15.15 -17.53 -25.05
CA ARG A 359 14.27 -18.34 -24.18
C ARG A 359 13.03 -18.88 -24.95
N GLY A 360 12.30 -19.80 -24.30
CA GLY A 360 11.10 -20.40 -24.88
C GLY A 360 10.54 -21.47 -23.96
N ALA A 361 9.33 -21.95 -24.28
CA ALA A 361 8.70 -23.02 -23.50
C ALA A 361 9.66 -24.15 -23.24
N HIS A 362 10.51 -24.42 -24.23
CA HIS A 362 11.46 -25.51 -24.17
C HIS A 362 12.49 -25.26 -23.10
N THR A 363 12.94 -24.01 -22.98
CA THR A 363 13.91 -23.65 -21.95
C THR A 363 13.42 -24.12 -20.57
N PHE A 364 12.26 -23.63 -20.15
CA PHE A 364 11.79 -23.76 -18.78
C PHE A 364 10.93 -24.96 -18.48
N LYS A 365 10.72 -25.81 -19.46
CA LYS A 365 10.17 -27.12 -19.18
C LYS A 365 10.97 -27.73 -18.07
N CYS A 366 10.25 -28.27 -17.10
CA CYS A 366 10.77 -29.19 -16.12
C CYS A 366 11.92 -30.06 -16.69
N PRO A 367 13.12 -30.08 -16.06
CA PRO A 367 13.59 -29.74 -14.70
C PRO A 367 13.90 -28.28 -14.41
N ASN A 368 14.03 -27.45 -15.44
CA ASN A 368 14.59 -26.11 -15.28
C ASN A 368 13.54 -25.05 -14.96
N LEU A 369 14.00 -23.88 -14.50
CA LEU A 369 13.10 -22.86 -13.96
C LEU A 369 13.63 -21.44 -14.24
N GLY A 370 12.75 -20.45 -14.22
CA GLY A 370 13.09 -19.04 -14.34
C GLY A 370 12.37 -18.30 -13.23
N ILE A 371 13.08 -17.36 -12.60
CA ILE A 371 12.50 -16.50 -11.59
C ILE A 371 12.97 -15.08 -11.83
N THR A 372 12.02 -14.19 -12.07
CA THR A 372 12.35 -12.79 -12.13
C THR A 372 11.60 -12.03 -11.02
N SER A 373 12.28 -11.05 -10.40
CA SER A 373 11.68 -10.27 -9.34
C SER A 373 11.40 -8.86 -9.81
N TRP A 374 10.19 -8.38 -9.50
CA TRP A 374 9.76 -7.01 -9.83
C TRP A 374 9.80 -6.11 -8.63
N VAL A 375 10.21 -6.68 -7.49
CA VAL A 375 10.13 -6.04 -6.19
C VAL A 375 10.78 -4.66 -6.07
N ARG A 376 11.83 -4.39 -6.86
CA ARG A 376 12.53 -3.08 -6.88
C ARG A 376 12.17 -2.16 -8.07
N LEU A 377 11.27 -2.62 -8.93
CA LEU A 377 10.77 -1.81 -10.05
C LEU A 377 9.50 -1.02 -9.67
N PRO A 378 9.37 0.24 -10.18
CA PRO A 378 8.20 1.10 -9.91
C PRO A 378 6.94 0.61 -10.68
N ILE A 379 6.45 -0.57 -10.31
CA ILE A 379 5.30 -1.12 -11.00
C ILE A 379 3.97 -0.52 -10.58
N HIS A 380 3.94 0.19 -9.46
CA HIS A 380 2.70 0.83 -9.01
C HIS A 380 2.71 2.33 -9.11
N ASP A 381 3.79 2.85 -9.70
CA ASP A 381 3.92 4.28 -9.91
C ASP A 381 3.04 4.86 -11.01
N ALA A 382 2.38 4.01 -11.79
CA ALA A 382 1.50 4.43 -12.91
C ALA A 382 0.12 4.98 -12.48
N ASP A 383 0.11 6.28 -12.14
CA ASP A 383 -1.07 7.00 -11.66
C ASP A 383 -1.42 8.09 -12.65
N PHE A 384 -2.60 8.02 -13.25
CA PHE A 384 -2.92 8.98 -14.29
C PHE A 384 -3.84 10.12 -13.80
N GLY A 385 -3.99 10.26 -12.49
CA GLY A 385 -4.84 11.30 -11.95
C GLY A 385 -5.99 10.70 -11.17
N TRP A 386 -6.07 9.36 -11.17
CA TRP A 386 -7.14 8.65 -10.44
C TRP A 386 -6.65 7.53 -9.55
N GLY A 387 -5.41 7.70 -9.07
CA GLY A 387 -4.87 6.77 -8.11
C GLY A 387 -4.04 5.68 -8.71
N ARG A 388 -3.25 5.09 -7.85
CA ARG A 388 -2.43 3.94 -8.23
C ARG A 388 -3.20 2.64 -8.56
N PRO A 389 -2.57 1.73 -9.31
CA PRO A 389 -3.20 0.42 -9.55
C PRO A 389 -3.53 -0.37 -8.27
N ILE A 390 -4.57 -1.19 -8.29
CA ILE A 390 -4.82 -2.10 -7.15
C ILE A 390 -3.98 -3.35 -7.34
N PHE A 391 -3.60 -3.58 -8.60
CA PHE A 391 -2.73 -4.65 -8.99
C PHE A 391 -1.98 -4.34 -10.28
N MET A 392 -0.72 -4.73 -10.35
CA MET A 392 -0.02 -4.78 -11.63
C MET A 392 0.69 -6.12 -11.69
N GLY A 393 0.66 -6.77 -12.84
CA GLY A 393 1.37 -8.03 -12.99
C GLY A 393 1.54 -8.36 -14.44
N PRO A 394 2.27 -9.46 -14.72
CA PRO A 394 2.47 -10.01 -16.09
C PRO A 394 1.15 -10.28 -16.74
N GLY A 395 1.06 -10.01 -18.03
CA GLY A 395 -0.19 -10.16 -18.77
C GLY A 395 -0.51 -11.55 -19.25
N GLY A 396 -0.28 -12.54 -18.39
CA GLY A 396 -0.56 -13.93 -18.72
C GLY A 396 0.69 -14.64 -19.14
N ILE A 397 1.04 -15.67 -18.37
CA ILE A 397 2.14 -16.60 -18.66
C ILE A 397 1.67 -17.64 -19.70
N ALA A 398 2.57 -18.05 -20.61
CA ALA A 398 2.25 -18.94 -21.73
C ALA A 398 2.28 -20.45 -21.44
N TYR A 399 3.22 -20.84 -20.57
CA TYR A 399 3.69 -22.24 -20.42
C TYR A 399 4.51 -22.40 -19.12
N GLU A 400 4.53 -23.64 -18.61
CA GLU A 400 5.11 -23.91 -17.31
C GLU A 400 6.59 -23.60 -17.25
N GLY A 401 7.04 -23.29 -16.02
CA GLY A 401 8.44 -23.04 -15.72
C GLY A 401 8.73 -21.63 -15.22
N LEU A 402 7.79 -20.71 -15.39
CA LEU A 402 8.02 -19.29 -15.06
C LEU A 402 7.45 -18.89 -13.72
N SER A 403 8.16 -18.05 -12.99
CA SER A 403 7.52 -17.34 -11.89
C SER A 403 8.05 -15.92 -11.72
N PHE A 404 7.21 -15.08 -11.15
CA PHE A 404 7.55 -13.69 -10.83
C PHE A 404 7.38 -13.41 -9.35
N ILE A 405 8.23 -12.57 -8.79
CA ILE A 405 8.06 -12.10 -7.42
C ILE A 405 7.53 -10.66 -7.45
N LEU A 406 6.36 -10.42 -6.84
CA LEU A 406 5.67 -9.13 -6.98
C LEU A 406 5.57 -8.36 -5.67
N PRO A 407 5.96 -7.06 -5.67
CA PRO A 407 5.88 -6.27 -4.45
C PRO A 407 4.45 -5.91 -4.15
N SER A 408 4.07 -5.87 -2.87
CA SER A 408 2.68 -5.55 -2.55
C SER A 408 2.31 -4.11 -2.96
N PRO A 409 1.11 -3.90 -3.55
CA PRO A 409 0.70 -2.51 -3.76
C PRO A 409 0.26 -1.85 -2.44
N THR A 410 -0.18 -2.65 -1.49
CA THR A 410 -0.46 -2.17 -0.14
C THR A 410 0.79 -1.82 0.69
N ASN A 411 0.56 -1.29 1.88
CA ASN A 411 1.62 -0.98 2.85
C ASN A 411 2.03 -2.15 3.74
N ASP A 412 1.51 -3.35 3.48
CA ASP A 412 1.73 -4.48 4.39
C ASP A 412 3.14 -5.11 4.32
N GLY A 413 3.96 -4.68 3.37
CA GLY A 413 5.32 -5.23 3.23
C GLY A 413 5.38 -6.67 2.74
N SER A 414 4.27 -7.19 2.23
CA SER A 414 4.19 -8.57 1.77
C SER A 414 4.72 -8.70 0.35
N MET A 415 4.89 -9.93 -0.11
CA MET A 415 5.19 -10.18 -1.50
C MET A 415 4.40 -11.36 -1.98
N SER A 416 4.19 -11.40 -3.28
CA SER A 416 3.34 -12.37 -3.90
C SER A 416 4.12 -13.18 -4.97
N VAL A 417 4.00 -14.51 -4.98
CA VAL A 417 4.66 -15.35 -6.02
C VAL A 417 3.70 -15.92 -7.08
N ALA A 418 3.74 -15.38 -8.29
CA ALA A 418 2.95 -15.95 -9.38
C ALA A 418 3.81 -16.98 -10.05
N ILE A 419 3.27 -18.18 -10.22
CA ILE A 419 4.05 -19.20 -10.83
C ILE A 419 3.22 -20.06 -11.77
N SER A 420 3.95 -20.74 -12.66
CA SER A 420 3.41 -21.48 -13.75
C SER A 420 3.90 -22.93 -13.66
N LEU A 421 3.03 -23.83 -13.24
CA LEU A 421 3.42 -25.25 -13.15
C LEU A 421 2.38 -26.11 -13.83
N GLN A 422 2.59 -27.43 -13.79
CA GLN A 422 1.59 -28.34 -14.29
C GLN A 422 0.52 -28.47 -13.25
N GLY A 423 -0.69 -28.76 -13.70
CA GLY A 423 -1.83 -28.92 -12.80
C GLY A 423 -1.49 -29.75 -11.57
N GLU A 424 -0.88 -30.92 -11.81
CA GLU A 424 -0.55 -31.92 -10.77
C GLU A 424 0.46 -31.40 -9.73
N HIS A 425 1.49 -30.70 -10.21
CA HIS A 425 2.55 -30.19 -9.34
C HIS A 425 2.14 -29.02 -8.46
N MET A 426 1.24 -28.18 -8.98
CA MET A 426 0.83 -26.95 -8.30
C MET A 426 0.34 -27.22 -6.92
N LYS A 427 -0.67 -28.09 -6.82
CA LYS A 427 -1.29 -28.48 -5.55
C LYS A 427 -0.19 -28.73 -4.54
N LEU A 428 0.88 -29.38 -4.99
CA LEU A 428 2.01 -29.69 -4.15
C LEU A 428 2.87 -28.48 -3.80
N PHE A 429 3.16 -27.68 -4.82
CA PHE A 429 4.01 -26.50 -4.67
C PHE A 429 3.49 -25.52 -3.61
N GLN A 430 2.17 -25.33 -3.57
CA GLN A 430 1.54 -24.47 -2.58
C GLN A 430 1.77 -25.06 -1.20
N SER A 431 1.54 -26.35 -1.08
CA SER A 431 1.79 -27.08 0.14
C SER A 431 3.23 -26.92 0.67
N PHE A 432 4.22 -26.89 -0.22
CA PHE A 432 5.61 -26.79 0.23
C PHE A 432 6.04 -25.38 0.54
N LEU A 433 5.47 -24.45 -0.21
CA LEU A 433 5.82 -23.04 -0.12
C LEU A 433 5.51 -22.43 1.26
N TYR A 434 4.39 -22.84 1.85
CA TYR A 434 3.97 -22.31 3.14
C TYR A 434 4.54 -23.15 4.30
N ASP A 435 5.27 -24.20 3.96
CA ASP A 435 6.01 -24.95 4.96
C ASP A 435 7.30 -24.15 5.28
N ILE A 436 7.11 -22.95 5.82
CA ILE A 436 8.21 -22.08 6.19
C ILE A 436 8.52 -22.29 7.67
N MET B 3 -29.33 8.17 -1.78
CA MET B 3 -28.82 6.81 -1.39
C MET B 3 -29.61 6.16 -0.23
N LYS B 4 -30.34 5.10 -0.55
CA LYS B 4 -31.09 4.35 0.45
C LYS B 4 -30.17 3.33 1.13
N ILE B 5 -30.33 3.17 2.45
CA ILE B 5 -29.59 2.16 3.19
C ILE B 5 -30.58 1.44 4.08
N GLU B 6 -30.83 0.18 3.78
CA GLU B 6 -31.82 -0.64 4.47
C GLU B 6 -31.19 -1.69 5.42
N VAL B 7 -31.66 -1.69 6.66
CA VAL B 7 -31.27 -2.69 7.65
C VAL B 7 -31.96 -4.03 7.35
N LYS B 8 -31.19 -5.00 6.89
CA LYS B 8 -31.73 -6.34 6.66
C LYS B 8 -31.82 -7.15 7.98
N GLU B 9 -30.68 -7.49 8.59
CA GLU B 9 -30.66 -8.15 9.90
C GLU B 9 -29.90 -7.36 10.94
N SER B 10 -30.15 -7.71 12.20
CA SER B 10 -29.44 -7.14 13.33
C SER B 10 -29.39 -8.06 14.58
N THR B 11 -28.19 -8.44 15.03
CA THR B 11 -28.07 -9.40 16.13
C THR B 11 -27.29 -8.81 17.32
N MET B 12 -27.78 -9.03 18.55
CA MET B 12 -26.91 -8.84 19.72
C MET B 12 -26.09 -10.11 19.83
N VAL B 13 -24.79 -10.01 19.61
CA VAL B 13 -23.89 -11.16 19.62
C VAL B 13 -23.15 -11.32 20.96
N ARG B 14 -23.40 -12.46 21.60
CA ARG B 14 -22.83 -12.81 22.90
C ARG B 14 -21.49 -13.58 22.70
N PRO B 15 -20.64 -13.67 23.76
CA PRO B 15 -19.39 -14.45 23.65
C PRO B 15 -19.67 -15.92 23.50
N ALA B 16 -18.72 -16.63 22.89
CA ALA B 16 -18.89 -18.01 22.42
C ALA B 16 -19.01 -19.05 23.54
N GLN B 17 -18.76 -18.64 24.78
CA GLN B 17 -18.81 -19.49 25.97
C GLN B 17 -18.69 -18.58 27.21
N GLU B 18 -19.09 -19.07 28.38
CA GLU B 18 -19.05 -18.30 29.63
C GLU B 18 -17.79 -17.49 29.84
N THR B 19 -17.94 -16.23 30.15
CA THR B 19 -16.78 -15.41 30.44
C THR B 19 -16.84 -14.97 31.90
N PRO B 20 -15.68 -14.64 32.49
CA PRO B 20 -15.68 -14.21 33.88
C PRO B 20 -16.68 -13.08 34.11
N GLY B 21 -17.33 -13.07 35.28
CA GLY B 21 -18.28 -12.02 35.61
C GLY B 21 -17.59 -11.06 36.54
N ARG B 22 -17.45 -9.80 36.13
CA ARG B 22 -16.59 -8.87 36.88
C ARG B 22 -17.04 -7.42 36.83
N ASN B 23 -16.66 -6.65 37.83
CA ASN B 23 -16.99 -5.23 37.83
C ASN B 23 -15.73 -4.34 37.70
N LEU B 24 -15.38 -3.96 36.49
CA LEU B 24 -14.08 -3.37 36.32
C LEU B 24 -13.98 -1.89 36.67
N TRP B 25 -13.10 -1.57 37.61
CA TRP B 25 -12.78 -0.19 37.97
C TRP B 25 -12.27 0.64 36.82
N ASN B 26 -12.55 1.95 36.85
CA ASN B 26 -12.07 2.90 35.82
C ASN B 26 -11.16 3.99 36.35
N SER B 27 -10.06 4.24 35.63
CA SER B 27 -9.11 5.25 36.06
C SER B 27 -9.64 6.62 35.73
N ASN B 28 -8.95 7.64 36.19
CA ASN B 28 -9.36 9.00 35.89
C ASN B 28 -9.43 9.25 34.40
N VAL B 29 -8.41 8.79 33.70
CA VAL B 29 -8.36 8.96 32.28
C VAL B 29 -9.34 8.05 31.52
N ASP B 30 -9.97 7.12 32.24
CA ASP B 30 -11.07 6.30 31.71
C ASP B 30 -12.37 7.02 31.93
N LEU B 31 -12.34 8.11 32.69
CA LEU B 31 -13.56 8.88 33.01
C LEU B 31 -13.61 10.30 32.46
N VAL B 32 -12.50 10.80 31.92
CA VAL B 32 -12.45 12.18 31.42
C VAL B 32 -12.56 12.22 29.90
N VAL B 33 -13.70 11.77 29.39
CA VAL B 33 -13.85 11.42 27.96
C VAL B 33 -15.28 11.69 27.50
N PRO B 34 -15.49 11.90 26.18
CA PRO B 34 -16.88 11.96 25.68
C PRO B 34 -17.53 10.61 25.93
N ASN B 35 -18.83 10.50 25.70
CA ASN B 35 -19.49 9.20 25.84
C ASN B 35 -19.06 8.25 24.75
N PHE B 36 -18.92 8.77 23.53
CA PHE B 36 -18.57 7.96 22.37
C PHE B 36 -17.27 8.37 21.72
N HIS B 37 -16.61 7.36 21.22
CA HIS B 37 -15.52 7.52 20.31
C HIS B 37 -15.83 8.18 18.99
N THR B 38 -14.76 8.61 18.32
CA THR B 38 -14.90 9.06 16.95
C THR B 38 -15.09 7.80 16.16
N PRO B 39 -16.27 7.66 15.51
CA PRO B 39 -16.61 6.46 14.73
C PRO B 39 -15.52 6.14 13.72
N SER B 40 -15.46 4.90 13.27
CA SER B 40 -14.53 4.45 12.25
C SER B 40 -15.27 3.94 11.03
N VAL B 41 -14.63 3.97 9.87
CA VAL B 41 -15.20 3.31 8.72
C VAL B 41 -14.09 2.68 7.91
N TYR B 42 -14.29 1.41 7.61
CA TYR B 42 -13.49 0.64 6.70
C TYR B 42 -14.26 0.48 5.39
N PHE B 43 -13.55 0.54 4.27
CA PHE B 43 -14.13 0.22 2.96
C PHE B 43 -13.35 -0.88 2.32
N TYR B 44 -14.06 -1.86 1.77
CA TYR B 44 -13.37 -2.95 1.15
C TYR B 44 -13.81 -3.18 -0.30
N ARG B 45 -12.83 -3.32 -1.20
CA ARG B 45 -13.03 -3.72 -2.60
C ARG B 45 -13.48 -5.19 -2.72
N PRO B 46 -14.45 -5.51 -3.62
CA PRO B 46 -14.76 -6.93 -3.85
C PRO B 46 -13.57 -7.60 -4.53
N THR B 47 -13.31 -8.85 -4.18
CA THR B 47 -12.23 -9.59 -4.79
C THR B 47 -12.80 -10.51 -5.82
N GLY B 48 -14.09 -10.79 -5.65
CA GLY B 48 -14.81 -11.70 -6.50
C GLY B 48 -14.98 -13.04 -5.81
N SER B 49 -14.49 -13.17 -4.59
CA SER B 49 -14.65 -14.41 -3.82
C SER B 49 -16.12 -14.76 -3.66
N SER B 50 -16.38 -16.08 -3.56
CA SER B 50 -17.75 -16.64 -3.57
C SER B 50 -18.60 -16.13 -2.41
N ASN B 51 -17.94 -15.93 -1.26
CA ASN B 51 -18.57 -15.66 0.04
C ASN B 51 -18.02 -14.40 0.75
N PHE B 52 -17.68 -13.37 -0.03
CA PHE B 52 -17.16 -12.10 0.45
C PHE B 52 -17.91 -11.54 1.66
N PHE B 53 -17.20 -11.41 2.78
CA PHE B 53 -17.74 -10.80 3.99
C PHE B 53 -19.03 -11.47 4.47
N ASP B 54 -19.04 -12.79 4.38
CA ASP B 54 -20.15 -13.62 4.80
C ASP B 54 -20.55 -13.33 6.23
N ALA B 55 -21.83 -13.04 6.41
CA ALA B 55 -22.39 -12.74 7.73
C ALA B 55 -22.08 -13.80 8.80
N LYS B 56 -22.36 -15.07 8.50
CA LYS B 56 -22.17 -16.13 9.49
C LYS B 56 -20.71 -16.23 9.97
N VAL B 57 -19.76 -16.26 9.03
CA VAL B 57 -18.31 -16.25 9.31
C VAL B 57 -17.95 -15.10 10.27
N LEU B 58 -18.39 -13.90 9.89
CA LEU B 58 -18.14 -12.70 10.65
C LEU B 58 -18.76 -12.70 12.04
N LYS B 59 -20.01 -13.18 12.17
CA LYS B 59 -20.69 -13.26 13.49
C LYS B 59 -20.06 -14.33 14.37
N ASP B 60 -19.65 -15.45 13.78
CA ASP B 60 -19.04 -16.50 14.61
C ASP B 60 -17.65 -16.14 15.12
N ALA B 61 -16.94 -15.33 14.34
CA ALA B 61 -15.61 -14.89 14.72
C ALA B 61 -15.64 -13.86 15.88
N LEU B 62 -16.63 -12.97 15.80
CA LEU B 62 -16.89 -11.97 16.81
C LEU B 62 -17.27 -12.70 18.08
N SER B 63 -18.10 -13.73 17.92
CA SER B 63 -18.54 -14.50 19.08
C SER B 63 -17.35 -15.11 19.78
N ARG B 64 -16.36 -15.53 18.98
CA ARG B 64 -15.13 -16.15 19.50
C ARG B 64 -14.14 -15.13 20.05
N ALA B 65 -13.96 -14.04 19.31
CA ALA B 65 -13.13 -12.91 19.78
C ALA B 65 -13.58 -12.28 21.12
N LEU B 66 -14.87 -12.28 21.39
CA LEU B 66 -15.40 -11.68 22.61
C LEU B 66 -15.02 -12.51 23.84
N VAL B 67 -14.68 -13.80 23.66
CA VAL B 67 -14.20 -14.63 24.78
C VAL B 67 -12.92 -14.07 25.45
N PRO B 68 -11.82 -13.84 24.68
CA PRO B 68 -10.70 -13.14 25.32
C PRO B 68 -11.06 -11.71 25.68
N PHE B 69 -11.85 -11.06 24.83
CA PHE B 69 -12.16 -9.65 24.99
C PHE B 69 -13.49 -9.44 25.70
N TYR B 70 -13.78 -10.29 26.68
CA TYR B 70 -15.07 -10.29 27.33
C TYR B 70 -15.57 -8.95 27.86
N PRO B 71 -14.66 -8.05 28.29
CA PRO B 71 -15.20 -6.78 28.75
C PRO B 71 -15.94 -6.01 27.66
N MET B 72 -15.55 -6.23 26.39
CA MET B 72 -16.17 -5.54 25.27
C MET B 72 -17.63 -5.96 25.14
N ALA B 73 -17.98 -7.10 25.76
CA ALA B 73 -19.31 -7.64 25.66
C ALA B 73 -20.24 -7.13 26.77
N GLY B 74 -19.70 -6.33 27.69
CA GLY B 74 -20.46 -5.84 28.85
C GLY B 74 -21.20 -4.52 28.69
N ARG B 75 -21.52 -3.92 29.84
CA ARG B 75 -22.35 -2.70 29.95
C ARG B 75 -21.81 -1.74 31.01
N LEU B 76 -21.85 -0.44 30.74
CA LEU B 76 -21.48 0.51 31.77
C LEU B 76 -22.52 0.53 32.90
N LYS B 77 -22.04 0.73 34.11
CA LYS B 77 -22.83 0.66 35.31
C LYS B 77 -22.23 1.71 36.24
N ARG B 78 -23.09 2.40 36.95
CA ARG B 78 -22.71 3.38 37.95
C ARG B 78 -22.48 2.56 39.24
N ASP B 79 -21.38 2.78 39.96
CA ASP B 79 -21.23 2.05 41.24
C ASP B 79 -21.92 2.80 42.43
N GLU B 80 -21.99 2.17 43.59
CA GLU B 80 -22.67 2.81 44.73
C GLU B 80 -22.05 4.16 45.20
N ASP B 81 -20.91 4.54 44.64
CA ASP B 81 -20.36 5.86 44.88
C ASP B 81 -20.59 6.80 43.70
N GLY B 82 -21.38 6.37 42.73
CA GLY B 82 -21.66 7.16 41.55
C GLY B 82 -20.51 7.20 40.55
N ARG B 83 -19.62 6.21 40.61
CA ARG B 83 -18.49 6.14 39.70
C ARG B 83 -18.75 5.04 38.71
N ILE B 84 -18.46 5.35 37.45
CA ILE B 84 -18.77 4.45 36.34
C ILE B 84 -17.75 3.32 36.26
N GLU B 85 -18.25 2.10 36.05
CA GLU B 85 -17.41 0.95 35.80
C GLU B 85 -17.99 0.10 34.66
N ILE B 86 -17.31 -0.98 34.31
CA ILE B 86 -17.83 -1.92 33.32
C ILE B 86 -18.38 -3.19 33.94
N GLU B 87 -19.67 -3.41 33.79
CA GLU B 87 -20.28 -4.60 34.33
C GLU B 87 -20.04 -5.65 33.30
N CYS B 88 -19.23 -6.66 33.62
CA CYS B 88 -18.90 -7.68 32.65
C CYS B 88 -19.97 -8.74 32.70
N ASN B 89 -21.05 -8.51 31.96
CA ASN B 89 -22.17 -9.41 32.01
C ASN B 89 -22.31 -10.26 30.75
N GLY B 90 -21.41 -10.12 29.78
CA GLY B 90 -21.51 -10.87 28.55
C GLY B 90 -22.77 -10.64 27.71
N GLU B 91 -23.45 -9.51 27.97
CA GLU B 91 -24.70 -9.19 27.30
C GLU B 91 -24.62 -9.05 25.77
N GLY B 92 -23.46 -8.61 25.27
CA GLY B 92 -23.19 -8.66 23.86
C GLY B 92 -22.72 -7.39 23.18
N VAL B 93 -22.42 -7.55 21.89
CA VAL B 93 -22.09 -6.50 20.97
C VAL B 93 -23.15 -6.50 19.89
N LEU B 94 -23.61 -5.32 19.49
CA LEU B 94 -24.54 -5.16 18.37
C LEU B 94 -23.87 -5.32 17.02
N PHE B 95 -24.41 -6.22 16.22
CA PHE B 95 -23.95 -6.44 14.85
C PHE B 95 -25.11 -6.33 13.84
N VAL B 96 -25.02 -5.31 12.98
CA VAL B 96 -26.07 -4.98 12.02
C VAL B 96 -25.63 -5.26 10.60
N GLU B 97 -26.50 -5.91 9.82
CA GLU B 97 -26.21 -6.06 8.39
C GLU B 97 -27.21 -5.24 7.59
N ALA B 98 -26.73 -4.13 7.01
CA ALA B 98 -27.56 -3.33 6.12
C ALA B 98 -27.16 -3.55 4.66
N GLU B 99 -27.98 -3.01 3.75
CA GLU B 99 -27.71 -3.02 2.31
C GLU B 99 -27.87 -1.61 1.77
N SER B 100 -26.95 -1.14 0.92
CA SER B 100 -27.10 0.14 0.21
C SER B 100 -27.49 -0.07 -1.25
N ASP B 101 -28.30 0.81 -1.80
CA ASP B 101 -28.63 0.77 -3.23
C ASP B 101 -27.56 1.48 -4.08
N GLY B 102 -26.58 2.06 -3.39
CA GLY B 102 -25.50 2.78 -4.03
C GLY B 102 -24.25 1.94 -4.11
N VAL B 103 -23.19 2.52 -4.65
CA VAL B 103 -21.89 1.84 -4.71
C VAL B 103 -20.88 2.61 -3.87
N VAL B 104 -19.77 1.95 -3.55
CA VAL B 104 -18.78 2.46 -2.62
C VAL B 104 -18.11 3.77 -3.05
N ASP B 105 -17.78 3.91 -4.34
CA ASP B 105 -17.21 5.15 -4.83
C ASP B 105 -18.16 6.36 -4.84
N ASP B 106 -19.42 6.19 -4.43
CA ASP B 106 -20.30 7.36 -4.22
C ASP B 106 -19.82 8.14 -3.03
N PHE B 107 -18.88 7.56 -2.30
CA PHE B 107 -18.32 8.23 -1.17
C PHE B 107 -17.05 8.96 -1.50
N GLY B 108 -16.62 8.82 -2.76
CA GLY B 108 -15.47 9.53 -3.35
C GLY B 108 -14.15 9.41 -2.62
N ASP B 109 -13.58 10.57 -2.28
CA ASP B 109 -12.31 10.63 -1.58
C ASP B 109 -12.41 10.21 -0.11
N PHE B 110 -13.62 9.95 0.37
CA PHE B 110 -13.89 9.46 1.73
C PHE B 110 -13.68 10.49 2.83
N ALA B 111 -13.78 11.77 2.48
CA ALA B 111 -13.84 12.84 3.48
C ALA B 111 -14.90 12.52 4.56
N PRO B 112 -14.57 12.78 5.84
CA PRO B 112 -15.46 12.52 6.97
C PRO B 112 -16.68 13.43 7.05
N THR B 113 -17.40 13.58 5.94
CA THR B 113 -18.65 14.33 6.00
C THR B 113 -19.65 13.47 6.75
N LEU B 114 -20.59 14.16 7.41
CA LEU B 114 -21.67 13.53 8.16
C LEU B 114 -22.44 12.51 7.32
N GLU B 115 -22.36 12.66 5.99
CA GLU B 115 -22.80 11.64 5.02
C GLU B 115 -22.35 10.20 5.37
N LEU B 116 -21.15 10.06 5.94
CA LEU B 116 -20.67 8.74 6.42
C LEU B 116 -21.39 8.16 7.64
N ARG B 117 -21.90 9.01 8.52
CA ARG B 117 -22.54 8.57 9.75
C ARG B 117 -23.65 7.53 9.54
N ARG B 118 -24.08 7.43 8.29
CA ARG B 118 -25.19 6.58 7.92
C ARG B 118 -24.75 5.14 7.86
N LEU B 119 -23.44 4.94 7.85
CA LEU B 119 -22.80 3.63 7.77
C LEU B 119 -22.50 3.09 9.17
N ILE B 120 -22.62 3.97 10.16
CA ILE B 120 -22.36 3.63 11.54
C ILE B 120 -23.69 3.34 12.14
N PRO B 121 -23.80 2.21 12.86
CA PRO B 121 -25.12 1.80 13.33
C PRO B 121 -25.67 2.61 14.49
N ALA B 122 -26.96 2.37 14.70
CA ALA B 122 -27.80 2.90 15.78
C ALA B 122 -27.42 4.29 16.26
N VAL B 123 -27.34 5.22 15.32
CA VAL B 123 -27.08 6.62 15.62
C VAL B 123 -28.44 7.32 15.85
N ASP B 124 -28.58 8.08 16.94
CA ASP B 124 -29.82 8.81 17.13
C ASP B 124 -29.75 10.17 16.47
N TYR B 125 -30.82 10.94 16.68
CA TYR B 125 -30.92 12.31 16.21
C TYR B 125 -29.81 13.22 16.79
N SER B 126 -29.39 12.97 18.03
CA SER B 126 -28.33 13.76 18.66
C SER B 126 -26.97 13.10 18.50
N GLN B 127 -26.68 12.65 17.28
CA GLN B 127 -25.49 11.85 16.94
C GLN B 127 -24.81 10.99 18.07
N GLY B 128 -25.65 10.30 18.86
CA GLY B 128 -25.20 9.26 19.83
C GLY B 128 -25.61 7.85 19.37
N ILE B 129 -26.03 7.01 20.30
CA ILE B 129 -26.38 5.62 19.99
C ILE B 129 -27.62 5.10 20.76
N SER B 130 -28.53 4.43 20.03
CA SER B 130 -29.70 3.71 20.59
C SER B 130 -29.40 2.56 21.55
N SER B 131 -28.26 1.87 21.36
CA SER B 131 -27.98 0.65 22.09
C SER B 131 -26.94 0.86 23.19
N TYR B 132 -27.14 0.17 24.33
CA TYR B 132 -26.21 0.26 25.46
C TYR B 132 -24.97 -0.61 25.33
N ALA B 133 -24.91 -1.30 24.19
CA ALA B 133 -23.74 -2.00 23.77
C ALA B 133 -22.49 -1.10 23.82
N LEU B 134 -21.36 -1.68 24.20
CA LEU B 134 -20.13 -0.93 24.35
C LEU B 134 -19.48 -0.66 23.00
N LEU B 135 -19.92 -1.42 22.01
CA LEU B 135 -19.34 -1.46 20.67
C LEU B 135 -20.48 -1.85 19.73
N VAL B 136 -20.56 -1.17 18.59
CA VAL B 136 -21.66 -1.37 17.64
C VAL B 136 -21.09 -1.40 16.23
N LEU B 137 -21.57 -2.38 15.47
CA LEU B 137 -20.93 -2.75 14.22
C LEU B 137 -21.96 -2.90 13.12
N GLN B 138 -21.74 -2.19 12.01
CA GLN B 138 -22.56 -2.34 10.82
C GLN B 138 -21.75 -2.75 9.62
N VAL B 139 -22.20 -3.84 9.01
CA VAL B 139 -21.61 -4.28 7.76
C VAL B 139 -22.59 -3.91 6.68
N THR B 140 -22.14 -3.03 5.79
CA THR B 140 -22.95 -2.51 4.69
C THR B 140 -22.49 -3.10 3.34
N TYR B 141 -23.45 -3.70 2.64
CA TYR B 141 -23.22 -4.40 1.40
C TYR B 141 -23.75 -3.57 0.27
N PHE B 142 -22.87 -3.12 -0.64
CA PHE B 142 -23.26 -2.19 -1.71
C PHE B 142 -23.51 -2.87 -3.06
N LYS B 143 -24.15 -2.09 -3.94
CA LYS B 143 -24.64 -2.52 -5.25
C LYS B 143 -23.63 -3.24 -6.11
N CYS B 144 -22.39 -2.78 -6.13
CA CYS B 144 -21.39 -3.42 -6.98
C CYS B 144 -20.44 -4.31 -6.21
N GLY B 145 -20.97 -5.07 -5.27
CA GLY B 145 -20.15 -5.99 -4.50
C GLY B 145 -19.24 -5.46 -3.42
N GLY B 146 -19.11 -4.13 -3.29
CA GLY B 146 -18.29 -3.51 -2.25
C GLY B 146 -18.85 -3.69 -0.84
N VAL B 147 -18.02 -3.46 0.16
CA VAL B 147 -18.46 -3.59 1.54
C VAL B 147 -17.85 -2.53 2.43
N SER B 148 -18.65 -2.07 3.38
CA SER B 148 -18.23 -1.09 4.34
C SER B 148 -18.48 -1.64 5.76
N LEU B 149 -17.46 -1.49 6.63
CA LEU B 149 -17.59 -1.79 8.05
C LEU B 149 -17.64 -0.51 8.92
N GLY B 150 -18.68 -0.39 9.74
CA GLY B 150 -18.90 0.79 10.56
C GLY B 150 -18.77 0.49 12.03
N VAL B 151 -18.00 1.32 12.73
CA VAL B 151 -17.67 1.08 14.14
C VAL B 151 -17.96 2.31 14.99
N GLY B 152 -18.81 2.11 16.01
CA GLY B 152 -19.07 3.08 17.06
C GLY B 152 -18.72 2.38 18.34
N MET B 153 -18.01 3.08 19.22
CA MET B 153 -17.58 2.52 20.50
C MET B 153 -17.84 3.50 21.59
N ARG B 154 -18.28 3.02 22.75
CA ARG B 154 -18.37 3.90 23.90
C ARG B 154 -16.99 4.14 24.50
N HIS B 155 -16.68 5.41 24.76
CA HIS B 155 -15.32 5.82 25.18
C HIS B 155 -14.90 5.33 26.52
N HIS B 156 -15.82 5.28 27.49
CA HIS B 156 -15.50 4.72 28.81
C HIS B 156 -15.07 3.26 28.74
N ALA B 157 -15.49 2.52 27.73
CA ALA B 157 -15.04 1.15 27.60
C ALA B 157 -13.54 1.08 27.35
N ALA B 158 -13.02 1.80 26.34
CA ALA B 158 -11.58 1.76 26.01
C ALA B 158 -11.22 2.83 25.00
N ASP B 159 -9.92 3.09 24.86
CA ASP B 159 -9.49 4.03 23.87
C ASP B 159 -9.38 3.41 22.48
N GLY B 160 -8.96 4.22 21.52
CA GLY B 160 -8.81 3.78 20.16
C GLY B 160 -7.76 2.71 19.98
N PHE B 161 -6.65 2.83 20.69
CA PHE B 161 -5.60 1.82 20.59
C PHE B 161 -6.17 0.42 20.90
N SER B 162 -6.92 0.30 21.99
CA SER B 162 -7.56 -0.94 22.36
C SER B 162 -8.70 -1.39 21.39
N GLY B 163 -9.45 -0.44 20.87
CA GLY B 163 -10.46 -0.78 19.88
C GLY B 163 -9.91 -1.41 18.60
N LEU B 164 -8.68 -1.09 18.22
CA LEU B 164 -8.15 -1.63 16.99
C LEU B 164 -7.58 -2.97 17.31
N HIS B 165 -6.93 -3.07 18.46
CA HIS B 165 -6.51 -4.36 18.99
C HIS B 165 -7.69 -5.30 18.94
N PHE B 166 -8.85 -4.87 19.43
CA PHE B 166 -10.04 -5.73 19.34
C PHE B 166 -10.41 -6.15 17.92
N ILE B 167 -10.68 -5.15 17.08
CA ILE B 167 -11.02 -5.33 15.66
C ILE B 167 -10.01 -6.21 14.97
N ASN B 168 -8.74 -5.89 15.17
CA ASN B 168 -7.73 -6.67 14.52
C ASN B 168 -7.77 -8.15 14.95
N SER B 169 -8.03 -8.40 16.23
CA SER B 169 -8.13 -9.77 16.70
C SER B 169 -9.32 -10.52 16.11
N TRP B 170 -10.46 -9.84 16.04
CA TRP B 170 -11.65 -10.39 15.43
C TRP B 170 -11.36 -10.77 14.01
N SER B 171 -10.83 -9.82 13.23
CA SER B 171 -10.40 -10.07 11.86
C SER B 171 -9.46 -11.30 11.74
N ASP B 172 -8.42 -11.34 12.56
CA ASP B 172 -7.55 -12.49 12.63
C ASP B 172 -8.32 -13.79 12.86
N MET B 173 -9.23 -13.78 13.81
CA MET B 173 -9.95 -14.98 14.18
C MET B 173 -10.81 -15.44 13.04
N ALA B 174 -11.27 -14.50 12.23
CA ALA B 174 -12.07 -14.81 11.08
C ALA B 174 -11.28 -15.57 10.02
N ARG B 175 -9.95 -15.47 10.08
CA ARG B 175 -9.08 -16.09 9.11
C ARG B 175 -8.53 -17.34 9.72
N GLY B 176 -9.08 -17.74 10.86
CA GLY B 176 -8.64 -18.96 11.52
C GLY B 176 -7.52 -18.80 12.55
N LEU B 177 -6.77 -17.71 12.42
CA LEU B 177 -5.61 -17.45 13.29
C LEU B 177 -6.02 -17.13 14.72
N ASP B 178 -5.17 -17.57 15.66
CA ASP B 178 -5.38 -17.38 17.11
C ASP B 178 -4.90 -15.96 17.46
N VAL B 179 -5.20 -15.47 18.66
CA VAL B 179 -4.84 -14.11 19.08
C VAL B 179 -3.34 -13.99 19.35
N THR B 180 -2.69 -13.05 18.68
CA THR B 180 -1.30 -12.72 18.99
C THR B 180 -1.25 -12.28 20.49
N LEU B 181 -2.06 -11.27 20.84
CA LEU B 181 -1.90 -10.65 22.12
C LEU B 181 -3.22 -10.68 22.92
N PRO B 182 -3.37 -11.65 23.83
CA PRO B 182 -4.49 -11.54 24.78
C PRO B 182 -4.45 -10.16 25.43
N PRO B 183 -5.64 -9.59 25.74
CA PRO B 183 -5.78 -8.28 26.39
C PRO B 183 -5.31 -8.36 27.80
N PHE B 184 -4.97 -7.26 28.44
CA PHE B 184 -4.56 -7.32 29.85
C PHE B 184 -5.61 -6.55 30.65
N ILE B 185 -6.34 -7.20 31.54
CA ILE B 185 -7.48 -6.49 32.10
C ILE B 185 -7.34 -6.05 33.55
N ASP B 186 -7.05 -4.76 33.74
CA ASP B 186 -6.78 -4.17 35.08
C ASP B 186 -6.38 -2.66 35.05
N ARG B 187 -7.35 -1.79 35.27
CA ARG B 187 -7.10 -0.37 35.20
C ARG B 187 -6.62 0.22 36.49
N THR B 188 -6.55 -0.57 37.54
CA THR B 188 -6.11 -0.01 38.82
C THR B 188 -4.67 0.44 38.65
N LEU B 189 -4.01 -0.14 37.65
CA LEU B 189 -2.65 0.27 37.33
C LEU B 189 -2.48 1.77 37.20
N LEU B 190 -3.58 2.47 36.94
CA LEU B 190 -3.58 3.91 36.67
C LEU B 190 -4.25 4.74 37.77
N ARG B 191 -4.29 4.22 39.02
CA ARG B 191 -4.69 5.01 40.21
C ARG B 191 -3.79 6.21 40.43
N ALA B 192 -4.32 7.21 41.12
CA ALA B 192 -3.50 8.34 41.51
C ALA B 192 -2.75 7.95 42.77
N ARG B 193 -1.65 8.65 43.07
CA ARG B 193 -0.89 8.44 44.31
C ARG B 193 -1.78 8.88 45.50
N ASP B 194 -1.60 8.28 46.68
CA ASP B 194 -2.34 8.72 47.86
C ASP B 194 -1.45 9.33 48.99
N PRO B 195 -1.54 10.64 49.23
CA PRO B 195 -2.45 11.63 48.66
C PRO B 195 -2.02 12.02 47.27
N PRO B 196 -2.95 12.61 46.49
CA PRO B 196 -2.61 13.10 45.16
C PRO B 196 -1.66 14.27 45.31
N GLN B 197 -0.56 14.30 44.56
CA GLN B 197 0.32 15.45 44.62
C GLN B 197 0.78 15.89 43.25
N PRO B 198 -0.08 16.61 42.54
CA PRO B 198 0.26 17.13 41.22
C PRO B 198 1.41 18.08 41.35
N GLN B 199 2.26 18.08 40.33
CA GLN B 199 3.51 18.81 40.31
C GLN B 199 3.45 19.92 39.26
N PHE B 200 2.37 19.97 38.49
CA PHE B 200 2.21 20.93 37.38
C PHE B 200 0.83 21.57 37.35
N GLN B 201 0.71 22.74 36.74
CA GLN B 201 -0.60 23.37 36.64
C GLN B 201 -1.58 22.60 35.74
N HIS B 202 -1.04 21.72 34.87
CA HIS B 202 -1.81 20.93 33.88
C HIS B 202 -2.66 21.76 32.99
N ILE B 203 -1.94 22.41 32.10
CA ILE B 203 -2.44 23.43 31.20
C ILE B 203 -3.43 22.78 30.22
N GLU B 204 -3.26 21.48 30.02
CA GLU B 204 -4.09 20.77 29.10
C GLU B 204 -5.56 20.80 29.55
N TYR B 205 -5.80 20.99 30.84
CA TYR B 205 -7.18 21.01 31.30
C TYR B 205 -7.70 22.38 31.70
N GLN B 206 -6.99 23.43 31.31
CA GLN B 206 -7.53 24.78 31.45
C GLN B 206 -8.39 25.13 30.23
N PRO B 207 -9.33 26.06 30.43
CA PRO B 207 -10.08 26.61 29.29
C PRO B 207 -9.15 27.23 28.29
N PRO B 208 -9.39 27.01 26.99
CA PRO B 208 -8.53 27.49 25.92
C PRO B 208 -8.67 28.98 25.74
N PRO B 209 -7.69 29.62 25.07
CA PRO B 209 -7.79 31.04 24.71
C PRO B 209 -9.03 31.35 23.85
N ALA B 210 -9.69 32.46 24.15
CA ALA B 210 -10.87 32.88 23.39
C ALA B 210 -10.54 33.89 22.26
N LEU B 211 -11.34 33.85 21.20
CA LEU B 211 -11.27 34.77 20.09
C LEU B 211 -11.42 36.23 20.57
N LYS B 212 -10.95 37.20 19.79
CA LYS B 212 -11.03 38.64 20.16
C LYS B 212 -11.35 39.50 18.93
N PRO B 224 -22.19 31.01 7.85
CA PRO B 224 -22.94 30.04 7.07
C PRO B 224 -22.28 28.65 6.92
N GLU B 225 -21.67 28.32 5.79
CA GLU B 225 -21.38 26.89 5.50
C GLU B 225 -20.33 26.20 6.38
N THR B 226 -20.65 25.00 6.87
CA THR B 226 -19.60 24.16 7.53
C THR B 226 -19.15 23.02 6.63
N ALA B 227 -17.84 22.75 6.63
CA ALA B 227 -17.24 21.89 5.61
C ALA B 227 -16.16 20.93 6.10
N VAL B 228 -16.15 19.73 5.56
CA VAL B 228 -15.16 18.71 5.91
C VAL B 228 -14.48 18.23 4.64
N SER B 229 -13.16 18.22 4.61
CA SER B 229 -12.46 17.73 3.41
C SER B 229 -11.28 16.83 3.77
N ILE B 230 -10.67 16.23 2.75
CA ILE B 230 -9.41 15.47 2.92
C ILE B 230 -8.32 15.86 1.89
N PHE B 231 -7.06 15.95 2.32
CA PHE B 231 -6.01 16.40 1.40
C PHE B 231 -4.82 15.46 1.42
N LYS B 232 -4.48 14.93 0.24
CA LYS B 232 -3.34 14.02 0.11
C LYS B 232 -2.02 14.74 0.01
N LEU B 233 -1.07 14.32 0.82
CA LEU B 233 0.30 14.79 0.63
C LEU B 233 1.18 13.63 0.23
N THR B 234 1.95 13.83 -0.84
CA THR B 234 2.83 12.78 -1.31
C THR B 234 4.09 12.76 -0.45
N ARG B 235 4.72 11.59 -0.38
CA ARG B 235 6.00 11.41 0.31
C ARG B 235 7.01 12.50 -0.05
N GLU B 236 7.09 12.86 -1.34
CA GLU B 236 7.89 13.98 -1.82
C GLU B 236 7.52 15.27 -1.07
N GLN B 237 6.23 15.56 -0.97
CA GLN B 237 5.81 16.81 -0.34
C GLN B 237 6.14 16.83 1.15
N ILE B 238 5.88 15.74 1.86
CA ILE B 238 6.34 15.59 3.25
C ILE B 238 7.87 15.83 3.36
N SER B 239 8.67 15.21 2.50
CA SER B 239 10.12 15.36 2.55
C SER B 239 10.50 16.81 2.45
N ALA B 240 9.90 17.49 1.47
CA ALA B 240 10.18 18.89 1.17
C ALA B 240 9.77 19.77 2.36
N LEU B 241 8.57 19.51 2.88
CA LEU B 241 8.11 20.11 4.13
C LEU B 241 9.13 19.92 5.25
N LYS B 242 9.64 18.71 5.39
CA LYS B 242 10.59 18.44 6.46
C LYS B 242 11.89 19.18 6.21
N ALA B 243 12.39 19.11 4.97
CA ALA B 243 13.57 19.88 4.53
C ALA B 243 13.61 21.34 5.05
N LYS B 244 12.46 21.99 5.14
CA LYS B 244 12.38 23.38 5.62
C LYS B 244 12.86 23.53 7.06
N SER B 245 13.10 22.40 7.72
CA SER B 245 13.69 22.33 9.06
C SER B 245 15.01 23.14 9.19
N LYS B 246 15.74 23.32 8.08
CA LYS B 246 17.03 24.04 8.05
C LYS B 246 16.96 25.53 7.61
N GLU B 247 15.75 26.10 7.60
CA GLU B 247 15.53 27.50 7.24
C GLU B 247 15.94 28.40 8.39
N ASP B 248 16.47 29.58 8.05
CA ASP B 248 17.09 30.53 9.00
C ASP B 248 18.21 29.85 9.79
N GLY B 249 18.92 28.95 9.10
CA GLY B 249 20.01 28.14 9.65
C GLY B 249 19.76 27.56 11.03
N ASN B 250 18.59 26.93 11.20
CA ASN B 250 18.21 26.30 12.46
C ASN B 250 18.85 24.91 12.53
N THR B 251 19.81 24.77 13.44
CA THR B 251 20.51 23.49 13.68
C THR B 251 19.62 22.36 14.25
N ILE B 252 18.45 22.67 14.78
CA ILE B 252 17.56 21.60 15.32
C ILE B 252 16.65 21.05 14.22
N SER B 253 16.54 19.72 14.18
CA SER B 253 15.74 19.07 13.17
C SER B 253 14.66 18.19 13.79
N TYR B 254 13.45 18.40 13.27
CA TYR B 254 12.23 17.84 13.79
C TYR B 254 11.74 16.82 12.79
N SER B 255 10.94 15.86 13.27
CA SER B 255 10.41 14.78 12.46
C SER B 255 9.39 15.20 11.38
N SER B 256 9.12 14.31 10.43
CA SER B 256 8.11 14.53 9.38
C SER B 256 6.80 14.87 10.04
N TYR B 257 6.47 14.10 11.07
CA TYR B 257 5.21 14.27 11.69
C TYR B 257 5.13 15.65 12.32
N GLU B 258 6.12 16.01 13.15
CA GLU B 258 6.12 17.30 13.85
C GLU B 258 5.98 18.47 12.88
N MET B 259 6.64 18.37 11.73
CA MET B 259 6.61 19.47 10.76
C MET B 259 5.25 19.51 10.11
N LEU B 260 4.73 18.35 9.78
CA LEU B 260 3.43 18.31 9.19
C LEU B 260 2.36 18.90 10.12
N ALA B 261 2.36 18.50 11.40
CA ALA B 261 1.37 19.04 12.33
C ALA B 261 1.56 20.54 12.40
N GLY B 262 2.82 20.97 12.60
CA GLY B 262 3.15 22.39 12.65
C GLY B 262 2.60 23.18 11.48
N HIS B 263 2.62 22.54 10.31
CA HIS B 263 2.16 23.12 9.08
C HIS B 263 0.64 23.23 9.02
N VAL B 264 -0.03 22.16 9.40
CA VAL B 264 -1.49 22.18 9.51
C VAL B 264 -1.97 23.31 10.45
N TRP B 265 -1.32 23.42 11.61
CA TRP B 265 -1.66 24.43 12.60
C TRP B 265 -1.47 25.80 12.01
N ARG B 266 -0.42 25.96 11.23
CA ARG B 266 -0.06 27.25 10.66
C ARG B 266 -1.12 27.66 9.66
N CYS B 267 -1.44 26.76 8.74
CA CYS B 267 -2.48 26.97 7.72
C CYS B 267 -3.89 27.06 8.32
N ALA B 268 -4.15 26.37 9.42
CA ALA B 268 -5.45 26.54 10.02
C ALA B 268 -5.61 27.97 10.53
N CYS B 269 -4.62 28.40 11.31
CA CYS B 269 -4.61 29.76 11.85
C CYS B 269 -4.73 30.79 10.76
N LYS B 270 -3.90 30.66 9.73
CA LYS B 270 -3.91 31.59 8.59
C LYS B 270 -5.25 31.59 7.82
N ALA B 271 -5.83 30.42 7.59
CA ALA B 271 -7.17 30.32 7.02
C ALA B 271 -8.25 30.95 7.88
N ARG B 272 -8.05 31.00 9.19
CA ARG B 272 -9.11 31.50 10.05
C ARG B 272 -8.97 33.00 10.25
N GLY B 273 -8.15 33.62 9.39
CA GLY B 273 -7.85 35.04 9.50
C GLY B 273 -7.72 35.48 10.95
N LEU B 274 -6.82 34.84 11.68
CA LEU B 274 -6.68 35.13 13.11
C LEU B 274 -5.82 36.35 13.29
N GLU B 275 -5.99 37.06 14.39
CA GLU B 275 -5.22 38.29 14.54
C GLU B 275 -3.79 38.10 15.10
N VAL B 276 -2.96 39.10 14.80
CA VAL B 276 -1.54 38.99 15.06
C VAL B 276 -1.27 38.62 16.53
N ASP B 277 -2.09 39.08 17.47
CA ASP B 277 -1.87 38.73 18.86
C ASP B 277 -2.87 37.71 19.43
N GLN B 278 -3.71 37.18 18.54
CA GLN B 278 -4.70 36.16 18.90
C GLN B 278 -4.01 34.90 19.41
N GLY B 279 -4.42 34.44 20.59
CA GLY B 279 -3.77 33.31 21.25
C GLY B 279 -4.40 31.98 20.86
N THR B 280 -3.56 31.00 20.53
CA THR B 280 -4.05 29.76 19.95
C THR B 280 -3.45 28.51 20.60
N LYS B 281 -4.30 27.53 20.86
CA LYS B 281 -3.94 26.33 21.57
C LYS B 281 -4.25 25.12 20.71
N LEU B 282 -3.33 24.16 20.66
CA LEU B 282 -3.48 22.97 19.88
C LEU B 282 -3.59 21.75 20.79
N TYR B 283 -4.62 20.92 20.57
CA TYR B 283 -4.79 19.70 21.35
C TYR B 283 -4.24 18.53 20.59
N ILE B 284 -3.31 17.80 21.22
CA ILE B 284 -2.77 16.59 20.64
C ILE B 284 -3.05 15.41 21.58
N ALA B 285 -3.68 14.35 21.05
CA ALA B 285 -3.92 13.15 21.86
C ALA B 285 -2.55 12.48 22.02
N THR B 286 -2.26 11.96 23.19
CA THR B 286 -0.99 11.26 23.39
C THR B 286 -1.19 9.98 24.21
N ASP B 287 -0.51 8.93 23.79
CA ASP B 287 -0.66 7.62 24.40
C ASP B 287 0.41 7.42 25.51
N GLY B 288 -0.06 7.20 26.74
CA GLY B 288 0.88 6.98 27.83
C GLY B 288 1.56 5.62 27.89
N ARG B 289 1.08 4.68 27.08
CA ARG B 289 1.45 3.27 27.18
C ARG B 289 2.97 3.01 27.38
N ALA B 290 3.82 3.57 26.52
CA ALA B 290 5.26 3.44 26.74
C ALA B 290 5.91 4.63 27.49
N ARG B 291 5.15 5.68 27.75
CA ARG B 291 5.66 6.82 28.47
C ARG B 291 5.66 6.58 29.96
N LEU B 292 4.72 5.77 30.42
CA LEU B 292 4.58 5.53 31.85
C LEU B 292 5.64 4.57 32.35
N ARG B 293 6.05 4.74 33.61
CA ARG B 293 7.05 3.88 34.26
C ARG B 293 6.53 3.21 35.50
N PRO B 294 6.60 1.87 35.56
CA PRO B 294 6.99 1.04 34.42
C PRO B 294 5.88 1.10 33.37
N SER B 295 6.21 0.80 32.11
CA SER B 295 5.20 0.89 31.06
C SER B 295 4.11 -0.19 31.20
N LEU B 296 2.92 0.07 30.67
CA LEU B 296 1.80 -0.82 30.87
C LEU B 296 2.00 -2.08 30.09
N PRO B 297 1.43 -3.20 30.59
CA PRO B 297 1.54 -4.52 29.95
C PRO B 297 1.12 -4.48 28.49
N PRO B 298 1.75 -5.32 27.68
CA PRO B 298 1.30 -5.42 26.31
C PRO B 298 -0.16 -5.87 26.29
N GLY B 299 -0.98 -5.22 25.49
CA GLY B 299 -2.38 -5.62 25.37
C GLY B 299 -3.29 -4.90 26.33
N TYR B 300 -2.71 -4.17 27.28
CA TYR B 300 -3.50 -3.41 28.23
C TYR B 300 -4.78 -2.83 27.64
N PHE B 301 -5.91 -3.18 28.24
CA PHE B 301 -7.24 -2.79 27.76
C PHE B 301 -7.86 -1.63 28.55
N GLY B 302 -7.95 -0.48 27.89
CA GLY B 302 -8.62 0.65 28.49
C GLY B 302 -8.31 1.89 27.70
N ASN B 303 -8.40 3.03 28.38
CA ASN B 303 -7.99 4.34 27.89
C ASN B 303 -6.64 4.68 28.51
N VAL B 304 -5.70 5.11 27.68
CA VAL B 304 -4.42 5.61 28.17
C VAL B 304 -4.08 6.92 27.43
N ILE B 305 -5.12 7.70 27.09
CA ILE B 305 -4.91 8.92 26.31
C ILE B 305 -4.73 10.12 27.23
N PHE B 306 -3.57 10.75 27.13
CA PHE B 306 -3.28 12.01 27.80
C PHE B 306 -3.26 13.13 26.75
N THR B 307 -2.91 14.35 27.13
CA THR B 307 -3.10 15.48 26.22
C THR B 307 -2.00 16.52 26.26
N ALA B 308 -1.27 16.63 25.16
CA ALA B 308 -0.29 17.70 25.00
C ALA B 308 -1.01 18.89 24.40
N THR B 309 -0.63 20.10 24.83
CA THR B 309 -1.35 21.29 24.40
C THR B 309 -0.45 22.47 24.10
N PRO B 310 0.28 22.44 22.97
CA PRO B 310 1.05 23.63 22.66
C PRO B 310 0.21 24.93 22.61
N ILE B 311 0.80 26.03 23.06
CA ILE B 311 0.21 27.36 22.89
C ILE B 311 1.16 28.30 22.11
N ALA B 312 0.59 29.17 21.28
CA ALA B 312 1.32 30.15 20.48
C ALA B 312 0.45 31.37 20.31
N ILE B 313 1.01 32.37 19.65
CA ILE B 313 0.28 33.53 19.25
C ILE B 313 0.23 33.45 17.74
N ALA B 314 -0.97 33.58 17.19
CA ALA B 314 -1.23 33.39 15.77
C ALA B 314 -0.22 34.09 14.82
N GLY B 315 0.16 35.31 15.20
CA GLY B 315 1.16 36.09 14.46
C GLY B 315 2.53 35.42 14.45
N ASP B 316 2.98 34.94 15.59
CA ASP B 316 4.24 34.24 15.66
C ASP B 316 4.28 33.05 14.70
N LEU B 317 3.25 32.19 14.76
CA LEU B 317 3.12 31.01 13.87
C LEU B 317 3.12 31.37 12.39
N GLU B 318 2.45 32.48 12.06
CA GLU B 318 2.32 32.98 10.68
C GLU B 318 3.64 33.56 10.18
N PHE B 319 4.40 34.20 11.06
CA PHE B 319 5.58 34.99 10.66
C PHE B 319 6.95 34.47 11.06
N LYS B 320 6.98 33.45 11.93
CA LYS B 320 8.16 32.64 12.06
C LYS B 320 8.01 31.49 11.06
N PRO B 321 9.11 30.81 10.72
CA PRO B 321 8.94 29.78 9.72
C PRO B 321 8.20 28.57 10.27
N VAL B 322 7.98 27.57 9.43
CA VAL B 322 7.19 26.41 9.83
C VAL B 322 7.88 25.63 10.99
N TRP B 323 9.21 25.75 11.13
CA TRP B 323 9.86 25.04 12.24
C TRP B 323 9.54 25.65 13.57
N TYR B 324 9.10 26.91 13.60
CA TYR B 324 8.72 27.51 14.87
C TYR B 324 7.57 26.70 15.44
N ALA B 325 6.58 26.42 14.59
CA ALA B 325 5.48 25.57 14.99
C ALA B 325 5.98 24.23 15.54
N ALA B 326 6.81 23.55 14.75
CA ALA B 326 7.14 22.16 15.08
C ALA B 326 7.89 22.11 16.41
N SER B 327 8.65 23.16 16.70
CA SER B 327 9.34 23.29 17.99
C SER B 327 8.36 23.22 19.15
N LYS B 328 7.24 23.94 19.05
CA LYS B 328 6.22 23.93 20.11
C LYS B 328 5.64 22.56 20.25
N ILE B 329 5.37 21.87 19.14
CA ILE B 329 4.84 20.51 19.20
C ILE B 329 5.89 19.53 19.77
N HIS B 330 7.14 19.72 19.38
CA HIS B 330 8.23 18.96 19.97
C HIS B 330 8.35 19.19 21.45
N ASP B 331 8.44 20.45 21.86
CA ASP B 331 8.56 20.78 23.28
C ASP B 331 7.47 20.19 24.14
N ALA B 332 6.23 20.32 23.67
CA ALA B 332 5.08 19.93 24.45
C ALA B 332 5.03 18.42 24.60
N LEU B 333 5.26 17.69 23.51
CA LEU B 333 5.32 16.24 23.60
C LEU B 333 6.47 15.74 24.49
N ALA B 334 7.69 16.27 24.31
CA ALA B 334 8.81 15.97 25.22
C ALA B 334 8.42 16.02 26.72
N ARG B 335 7.59 16.98 27.10
CA ARG B 335 7.26 17.25 28.51
C ARG B 335 6.47 16.09 29.15
N MET B 336 5.97 15.18 28.33
CA MET B 336 5.07 14.10 28.75
C MET B 336 5.78 12.82 29.22
N ASP B 337 6.78 12.98 30.07
CA ASP B 337 7.38 11.83 30.76
C ASP B 337 6.45 11.26 31.84
N ASN B 338 6.81 10.09 32.34
CA ASN B 338 6.09 9.46 33.40
C ASN B 338 5.70 10.46 34.47
N ASP B 339 6.66 11.29 34.87
CA ASP B 339 6.42 12.27 35.92
C ASP B 339 5.31 13.24 35.58
N TYR B 340 5.18 13.63 34.32
CA TYR B 340 4.07 14.51 33.95
C TYR B 340 2.73 13.76 34.00
N LEU B 341 2.73 12.58 33.37
CA LEU B 341 1.56 11.71 33.36
C LEU B 341 1.06 11.34 34.75
N ARG B 342 1.97 10.95 35.65
CA ARG B 342 1.59 10.67 37.03
C ARG B 342 0.98 11.90 37.68
N SER B 343 1.50 13.08 37.34
CA SER B 343 0.97 14.34 37.86
C SER B 343 -0.44 14.60 37.36
N ALA B 344 -0.66 14.26 36.09
CA ALA B 344 -1.96 14.50 35.49
C ALA B 344 -3.02 13.69 36.20
N LEU B 345 -2.75 12.40 36.36
CA LEU B 345 -3.62 11.51 37.16
C LEU B 345 -3.92 12.10 38.52
N ASP B 346 -2.92 12.63 39.19
CA ASP B 346 -3.17 13.24 40.49
C ASP B 346 -4.05 14.50 40.42
N TYR B 347 -3.72 15.39 39.50
CA TYR B 347 -4.52 16.58 39.29
C TYR B 347 -6.00 16.18 39.08
N LEU B 348 -6.22 15.10 38.34
CA LEU B 348 -7.58 14.69 38.03
C LEU B 348 -8.30 14.12 39.21
N GLU B 349 -7.57 13.44 40.08
CA GLU B 349 -8.10 12.99 41.36
C GLU B 349 -8.70 14.13 42.17
N LEU B 350 -8.15 15.34 42.01
CA LEU B 350 -8.60 16.51 42.76
C LEU B 350 -9.62 17.37 42.01
N GLN B 351 -10.14 16.88 40.89
CA GLN B 351 -11.24 17.58 40.23
C GLN B 351 -12.56 16.98 40.66
N PRO B 352 -13.40 17.78 41.36
CA PRO B 352 -14.60 17.19 41.97
C PRO B 352 -15.59 16.73 40.91
N ASP B 353 -15.68 17.45 39.77
CA ASP B 353 -16.49 17.02 38.61
C ASP B 353 -15.60 16.85 37.39
N LEU B 354 -15.54 15.62 36.87
CA LEU B 354 -14.65 15.32 35.77
C LEU B 354 -15.29 15.63 34.45
N LYS B 355 -16.62 15.66 34.41
CA LYS B 355 -17.34 15.96 33.16
C LYS B 355 -17.10 17.43 32.76
N ALA B 356 -16.60 18.22 33.69
CA ALA B 356 -16.32 19.63 33.46
C ALA B 356 -15.08 19.80 32.61
N LEU B 357 -14.31 18.73 32.48
CA LEU B 357 -13.01 18.75 31.79
C LEU B 357 -13.03 18.14 30.37
N VAL B 358 -14.19 17.58 29.97
CA VAL B 358 -14.34 16.85 28.71
C VAL B 358 -14.31 17.76 27.48
N ARG B 359 -13.33 17.55 26.60
CA ARG B 359 -13.17 18.36 25.40
C ARG B 359 -14.44 18.13 24.56
N GLY B 360 -15.00 19.21 24.01
CA GLY B 360 -16.18 19.16 23.12
C GLY B 360 -16.14 20.24 22.05
N ALA B 361 -17.25 20.45 21.34
CA ALA B 361 -17.29 21.40 20.21
C ALA B 361 -16.80 22.76 20.59
N HIS B 362 -17.24 23.23 21.76
CA HIS B 362 -16.85 24.52 22.29
C HIS B 362 -15.34 24.63 22.35
N THR B 363 -14.69 23.49 22.58
CA THR B 363 -13.24 23.44 22.77
C THR B 363 -12.51 23.85 21.51
N PHE B 364 -13.05 23.46 20.34
CA PHE B 364 -12.30 23.47 19.09
C PHE B 364 -12.69 24.55 18.08
N LYS B 365 -13.73 25.34 18.34
CA LYS B 365 -14.02 26.45 17.42
C LYS B 365 -12.91 27.52 17.54
N CYS B 366 -12.76 28.38 16.52
CA CYS B 366 -11.75 29.44 16.54
C CYS B 366 -11.49 29.89 17.97
N PRO B 367 -10.21 30.13 18.33
CA PRO B 367 -8.97 30.03 17.59
C PRO B 367 -8.23 28.71 17.73
N ASN B 368 -8.80 27.79 18.51
CA ASN B 368 -8.17 26.52 18.87
C ASN B 368 -8.40 25.38 17.88
N LEU B 369 -7.60 24.32 17.97
CA LEU B 369 -7.56 23.24 16.97
C LEU B 369 -7.26 21.85 17.59
N GLY B 370 -7.48 20.77 16.83
CA GLY B 370 -7.19 19.43 17.32
C GLY B 370 -6.53 18.60 16.24
N ILE B 371 -5.36 18.04 16.52
CA ILE B 371 -4.70 17.16 15.57
C ILE B 371 -4.44 15.79 16.21
N THR B 372 -5.19 14.79 15.77
CA THR B 372 -4.98 13.43 16.16
C THR B 372 -4.27 12.71 15.01
N SER B 373 -3.23 11.96 15.34
CA SER B 373 -2.46 11.23 14.33
C SER B 373 -2.74 9.73 14.36
N TRP B 374 -3.18 9.16 13.23
CA TRP B 374 -3.41 7.70 13.13
C TRP B 374 -2.30 6.93 12.43
N VAL B 375 -1.16 7.60 12.22
CA VAL B 375 -0.06 7.09 11.38
C VAL B 375 0.60 5.86 11.94
N ARG B 376 0.59 5.73 13.25
CA ARG B 376 1.23 4.58 13.86
C ARG B 376 0.18 3.63 14.46
N LEU B 377 -1.07 3.84 14.07
CA LEU B 377 -2.15 2.92 14.42
C LEU B 377 -2.36 1.91 13.30
N PRO B 378 -2.48 0.62 13.67
CA PRO B 378 -2.77 -0.53 12.80
C PRO B 378 -4.14 -0.46 12.11
N ILE B 379 -4.45 0.68 11.52
CA ILE B 379 -5.79 0.91 10.99
C ILE B 379 -6.11 0.15 9.70
N HIS B 380 -5.10 -0.50 9.13
CA HIS B 380 -5.29 -1.20 7.88
C HIS B 380 -5.13 -2.68 8.02
N ASP B 381 -4.91 -3.13 9.26
CA ASP B 381 -4.62 -4.53 9.53
C ASP B 381 -5.82 -5.41 9.59
N ALA B 382 -7.00 -4.83 9.74
CA ALA B 382 -8.23 -5.60 9.78
C ALA B 382 -8.49 -6.26 8.43
N ASP B 383 -8.05 -7.50 8.32
CA ASP B 383 -8.26 -8.32 7.13
C ASP B 383 -9.07 -9.55 7.57
N PHE B 384 -10.27 -9.70 7.05
CA PHE B 384 -11.15 -10.75 7.51
C PHE B 384 -11.13 -11.99 6.65
N GLY B 385 -10.29 -12.03 5.62
CA GLY B 385 -10.24 -13.14 4.67
C GLY B 385 -10.17 -12.63 3.25
N TRP B 386 -10.71 -11.42 3.06
CA TRP B 386 -10.95 -10.83 1.75
C TRP B 386 -10.11 -9.59 1.49
N GLY B 387 -9.00 -9.50 2.20
CA GLY B 387 -8.02 -8.46 1.92
C GLY B 387 -8.16 -7.25 2.81
N ARG B 388 -7.12 -6.40 2.81
CA ARG B 388 -7.12 -5.20 3.66
C ARG B 388 -8.03 -4.11 3.13
N PRO B 389 -8.40 -3.15 3.98
CA PRO B 389 -9.29 -2.08 3.46
C PRO B 389 -8.63 -1.20 2.36
N ILE B 390 -9.41 -0.66 1.42
CA ILE B 390 -8.88 0.33 0.48
C ILE B 390 -8.79 1.68 1.20
N PHE B 391 -9.48 1.75 2.34
CA PHE B 391 -9.53 2.95 3.13
C PHE B 391 -10.08 2.69 4.51
N MET B 392 -9.56 3.48 5.44
CA MET B 392 -9.98 3.50 6.82
C MET B 392 -9.91 4.96 7.31
N GLY B 393 -10.91 5.39 8.03
CA GLY B 393 -10.90 6.75 8.53
C GLY B 393 -12.07 7.01 9.45
N PRO B 394 -12.10 8.20 10.04
CA PRO B 394 -13.18 8.63 10.94
C PRO B 394 -14.54 8.59 10.25
N GLY B 395 -15.58 8.16 10.98
CA GLY B 395 -16.94 8.08 10.45
C GLY B 395 -17.70 9.39 10.59
N GLY B 396 -17.12 10.46 10.05
CA GLY B 396 -17.73 11.78 10.11
C GLY B 396 -17.00 12.54 11.19
N ILE B 397 -16.67 13.80 10.95
CA ILE B 397 -16.07 14.62 11.99
C ILE B 397 -17.20 15.43 12.62
N ALA B 398 -17.28 15.34 13.94
CA ALA B 398 -18.37 15.94 14.70
C ALA B 398 -18.70 17.42 14.42
N TYR B 399 -17.69 18.25 14.10
CA TYR B 399 -17.77 19.75 14.13
C TYR B 399 -16.43 20.46 13.84
N GLU B 400 -16.49 21.77 13.54
CA GLU B 400 -15.30 22.58 13.19
C GLU B 400 -14.09 22.39 14.11
N GLY B 401 -12.92 22.25 13.51
CA GLY B 401 -11.67 22.42 14.23
C GLY B 401 -10.93 21.14 14.47
N LEU B 402 -11.34 20.08 13.80
CA LEU B 402 -10.72 18.78 14.02
C LEU B 402 -9.94 18.25 12.82
N SER B 403 -8.83 17.59 13.10
CA SER B 403 -8.02 17.02 12.04
C SER B 403 -7.36 15.68 12.37
N PHE B 404 -7.28 14.85 11.35
CA PHE B 404 -6.66 13.56 11.47
C PHE B 404 -5.61 13.41 10.38
N ILE B 405 -4.50 12.78 10.72
CA ILE B 405 -3.49 12.50 9.76
C ILE B 405 -3.60 10.99 9.62
N LEU B 406 -3.65 10.52 8.35
CA LEU B 406 -3.92 9.12 8.02
C LEU B 406 -2.85 8.54 7.16
N PRO B 407 -2.33 7.36 7.52
CA PRO B 407 -1.28 6.82 6.67
C PRO B 407 -1.88 6.19 5.42
N SER B 408 -1.15 6.25 4.31
CA SER B 408 -1.62 5.64 3.10
C SER B 408 -1.76 4.13 3.27
N PRO B 409 -2.89 3.59 2.76
CA PRO B 409 -3.10 2.16 2.63
C PRO B 409 -1.99 1.51 1.75
N THR B 410 -1.37 2.34 0.92
CA THR B 410 -0.45 1.98 -0.14
C THR B 410 1.02 2.01 0.27
N ASN B 411 1.85 1.32 -0.51
CA ASN B 411 3.30 1.44 -0.38
C ASN B 411 3.84 2.83 -0.71
N ASP B 412 2.91 3.76 -1.02
CA ASP B 412 3.13 5.21 -1.25
C ASP B 412 4.17 5.89 -0.40
N GLY B 413 3.87 5.99 0.90
CA GLY B 413 4.59 6.84 1.80
C GLY B 413 3.83 8.11 2.02
N SER B 414 2.68 8.26 1.36
CA SER B 414 1.88 9.47 1.50
C SER B 414 1.06 9.43 2.76
N MET B 415 0.46 10.57 3.06
CA MET B 415 -0.46 10.75 4.16
C MET B 415 -1.52 11.72 3.73
N SER B 416 -2.74 11.48 4.19
CA SER B 416 -3.82 12.42 3.98
C SER B 416 -4.17 13.15 5.29
N VAL B 417 -4.78 14.31 5.13
CA VAL B 417 -5.20 15.14 6.24
C VAL B 417 -6.69 15.37 6.14
N ALA B 418 -7.41 14.79 7.10
CA ALA B 418 -8.84 15.03 7.26
C ALA B 418 -9.02 16.22 8.19
N ILE B 419 -9.95 17.10 7.83
CA ILE B 419 -10.18 18.30 8.58
C ILE B 419 -11.59 18.91 8.40
N SER B 420 -12.03 19.54 9.48
CA SER B 420 -13.30 20.19 9.57
C SER B 420 -13.09 21.69 9.77
N LEU B 421 -13.61 22.55 8.88
CA LEU B 421 -13.52 24.00 9.00
C LEU B 421 -14.75 24.66 8.40
N GLN B 422 -14.88 25.98 8.54
CA GLN B 422 -15.91 26.68 7.77
C GLN B 422 -15.68 26.67 6.25
N GLY B 423 -16.75 26.45 5.49
CA GLY B 423 -16.63 26.43 4.03
C GLY B 423 -15.67 27.46 3.43
N GLU B 424 -15.79 28.69 3.90
CA GLU B 424 -14.99 29.80 3.40
C GLU B 424 -13.51 29.72 3.80
N HIS B 425 -13.24 29.27 5.03
CA HIS B 425 -11.88 29.00 5.51
C HIS B 425 -11.26 27.87 4.78
N MET B 426 -12.10 26.91 4.42
CA MET B 426 -11.64 25.70 3.79
C MET B 426 -10.96 26.02 2.47
N LYS B 427 -11.62 26.78 1.60
CA LYS B 427 -11.05 27.14 0.29
C LYS B 427 -9.64 27.72 0.46
N LEU B 428 -9.49 28.58 1.48
CA LEU B 428 -8.22 29.19 1.83
C LEU B 428 -7.18 28.20 2.34
N PHE B 429 -7.62 27.29 3.21
CA PHE B 429 -6.77 26.27 3.77
C PHE B 429 -6.09 25.39 2.71
N GLN B 430 -6.86 24.96 1.69
CA GLN B 430 -6.31 24.10 0.62
C GLN B 430 -5.10 24.74 -0.05
N SER B 431 -5.15 26.05 -0.29
CA SER B 431 -4.06 26.66 -1.00
C SER B 431 -2.86 26.75 -0.07
N PHE B 432 -3.09 27.02 1.20
CA PHE B 432 -1.96 27.18 2.11
C PHE B 432 -1.22 25.87 2.36
N LEU B 433 -1.98 24.79 2.56
CA LEU B 433 -1.40 23.50 2.82
C LEU B 433 -0.51 23.02 1.67
N TYR B 434 -0.86 23.44 0.47
CA TYR B 434 -0.12 23.00 -0.69
C TYR B 434 0.96 24.00 -1.04
N ASP B 435 1.02 25.12 -0.33
CA ASP B 435 2.12 26.03 -0.58
C ASP B 435 3.30 25.57 0.22
N ILE B 436 3.80 24.41 -0.16
CA ILE B 436 4.92 23.75 0.49
C ILE B 436 6.22 24.25 -0.13
S SO4 C . 16.90 -7.64 2.97
O1 SO4 C . 16.86 -7.09 4.34
O2 SO4 C . 18.24 -8.24 2.73
O3 SO4 C . 15.85 -8.65 2.78
O4 SO4 C . 16.62 -6.52 2.04
S SO4 D . 33.57 -20.49 -17.75
O1 SO4 D . 34.51 -19.79 -18.64
O2 SO4 D . 32.17 -20.06 -18.11
O3 SO4 D . 33.67 -21.98 -17.94
O4 SO4 D . 34.01 -20.08 -16.35
S SO4 E . 13.05 -27.54 5.90
O1 SO4 E . 14.29 -28.29 6.26
O2 SO4 E . 12.11 -28.49 5.24
O3 SO4 E . 12.46 -26.97 7.16
O4 SO4 E . 13.30 -26.40 4.99
S SO4 F . 10.87 11.00 10.40
O1 SO4 F . 12.13 10.59 11.08
O2 SO4 F . 10.47 10.14 9.25
O3 SO4 F . 9.78 10.99 11.42
O4 SO4 F . 11.13 12.39 9.89
S SO4 G . -29.15 -2.72 24.82
O1 SO4 G . -28.17 -3.03 25.91
O2 SO4 G . -28.67 -3.20 23.49
O3 SO4 G . -30.42 -3.38 25.16
O4 SO4 G . -29.37 -1.24 24.70
#